data_5QAT
#
_entry.id   5QAT
#
_cell.length_a   45.135
_cell.length_b   125.260
_cell.length_c   107.808
_cell.angle_alpha   90.000
_cell.angle_beta   98.540
_cell.angle_gamma   90.000
#
_symmetry.space_group_name_H-M   'P 1 21 1'
#
loop_
_entity.id
_entity.type
_entity.pdbx_description
1 polymer Beta-lactamase
2 non-polymer '3-[3-(acetyloxymethyl)phenyl]benzoic acid'
3 non-polymer 'CHLORIDE ION'
4 non-polymer 1,2-ETHANEDIOL
5 water water
#
_entity_poly.entity_id   1
_entity_poly.type   'polypeptide(L)'
_entity_poly.pdbx_seq_one_letter_code
;KEWQENKSWNAHFTEHKSQGVVVLWNENKQQGFTNNLKRANQAFLPASTF(KCX)IPNSLIALDLGVVKDEHQVFKWDGQ
TRDIATWNRDHNLITAMKYSVVPVYQEFARQIGEARMSKMLHAFDYGNEDISGNVDSFWLDGGIRISATEQISFLRKLYH
NKLHVSERSQRIVKQAMLTEANGDYIIRAKTGYSTRIEPKIGWWVGWVELDDNVWFFAMNMDMPTSDGLGLRQAITKEVL
KQEKIIP
;
_entity_poly.pdbx_strand_id   A,B,C,D
#
loop_
_chem_comp.id
_chem_comp.type
_chem_comp.name
_chem_comp.formula
CL non-polymer 'CHLORIDE ION' 'Cl -1'
EDO non-polymer 1,2-ETHANEDIOL 'C2 H6 O2'
T7O non-polymer '3-[3-(acetyloxymethyl)phenyl]benzoic acid' 'C16 H14 O4'
#
# COMPACT_ATOMS: atom_id res chain seq x y z
N GLU A 2 27.97 -34.09 2.29
CA GLU A 2 26.69 -33.51 1.92
C GLU A 2 26.75 -31.98 1.92
N TRP A 3 27.54 -31.41 2.83
CA TRP A 3 27.74 -29.97 2.92
C TRP A 3 29.24 -29.70 2.90
N GLN A 4 29.67 -28.78 2.04
CA GLN A 4 31.08 -28.43 1.98
C GLN A 4 31.23 -26.92 2.08
N GLU A 5 32.23 -26.51 2.84
CA GLU A 5 32.48 -25.09 3.08
C GLU A 5 33.47 -24.54 2.07
N ASN A 6 33.13 -23.41 1.47
CA ASN A 6 33.97 -22.73 0.48
C ASN A 6 34.20 -21.31 1.01
N LYS A 7 35.30 -21.14 1.73
CA LYS A 7 35.61 -19.86 2.35
C LYS A 7 36.05 -18.80 1.33
N SER A 8 36.31 -19.18 0.09
CA SER A 8 36.66 -18.19 -0.92
C SER A 8 35.52 -17.19 -1.13
N TRP A 9 34.27 -17.61 -0.88
CA TRP A 9 33.14 -16.70 -1.01
C TRP A 9 33.15 -15.60 0.04
N ASN A 10 33.87 -15.78 1.15
CA ASN A 10 33.93 -14.73 2.17
C ASN A 10 34.41 -13.41 1.57
N ALA A 11 35.23 -13.48 0.52
CA ALA A 11 35.72 -12.29 -0.13
C ALA A 11 34.58 -11.42 -0.65
N HIS A 12 33.50 -12.05 -1.11
CA HIS A 12 32.37 -11.27 -1.63
C HIS A 12 31.69 -10.47 -0.53
N PHE A 13 31.78 -10.92 0.73
CA PHE A 13 31.24 -10.15 1.84
C PHE A 13 32.24 -9.11 2.33
N THR A 14 33.50 -9.51 2.56
CA THR A 14 34.48 -8.57 3.09
C THR A 14 34.81 -7.45 2.11
N GLU A 15 34.66 -7.72 0.81
CA GLU A 15 34.79 -6.68 -0.19
C GLU A 15 33.90 -5.48 0.13
N HIS A 16 32.71 -5.74 0.67
CA HIS A 16 31.73 -4.73 1.02
C HIS A 16 31.71 -4.40 2.51
N LYS A 17 32.76 -4.78 3.25
CA LYS A 17 32.83 -4.53 4.69
C LYS A 17 31.58 -5.06 5.39
N SER A 18 31.14 -6.24 4.95
N SER A 18 31.10 -6.23 4.98
CA SER A 18 29.94 -6.90 5.43
CA SER A 18 29.97 -6.82 5.68
C SER A 18 30.29 -8.27 5.99
C SER A 18 30.27 -8.28 5.97
N GLN A 19 29.28 -8.94 6.56
CA GLN A 19 29.41 -10.30 7.06
C GLN A 19 28.11 -11.00 6.75
N GLY A 20 28.20 -12.27 6.39
CA GLY A 20 26.99 -13.02 6.12
C GLY A 20 27.30 -14.41 5.64
N VAL A 21 26.24 -15.07 5.15
CA VAL A 21 26.34 -16.44 4.66
C VAL A 21 25.55 -16.56 3.37
N VAL A 22 26.11 -17.30 2.42
CA VAL A 22 25.38 -17.81 1.27
C VAL A 22 25.37 -19.33 1.37
N VAL A 23 24.20 -19.93 1.17
CA VAL A 23 24.04 -21.38 1.09
C VAL A 23 23.50 -21.71 -0.30
N LEU A 24 24.15 -22.66 -0.98
CA LEU A 24 23.70 -23.13 -2.28
C LEU A 24 23.43 -24.63 -2.20
N TRP A 25 22.44 -25.08 -2.96
CA TRP A 25 22.12 -26.51 -3.04
C TRP A 25 21.94 -26.90 -4.49
N ASN A 26 22.79 -27.82 -4.95
CA ASN A 26 22.73 -28.40 -6.29
C ASN A 26 21.75 -29.56 -6.26
N GLU A 27 20.57 -29.38 -6.88
CA GLU A 27 19.51 -30.36 -6.73
C GLU A 27 19.86 -31.67 -7.43
N ASN A 28 20.43 -31.61 -8.62
CA ASN A 28 20.78 -32.85 -9.34
C ASN A 28 21.78 -33.67 -8.54
N LYS A 29 22.80 -33.02 -7.99
CA LYS A 29 23.86 -33.72 -7.29
C LYS A 29 23.55 -33.91 -5.81
N GLN A 30 22.50 -33.28 -5.29
CA GLN A 30 22.14 -33.35 -3.88
C GLN A 30 23.35 -33.00 -3.01
N GLN A 31 23.97 -31.88 -3.34
CA GLN A 31 25.17 -31.40 -2.66
C GLN A 31 24.99 -29.94 -2.30
N GLY A 32 25.43 -29.58 -1.09
CA GLY A 32 25.33 -28.23 -0.59
C GLY A 32 26.66 -27.55 -0.41
N PHE A 33 26.66 -26.22 -0.43
CA PHE A 33 27.87 -25.42 -0.37
C PHE A 33 27.59 -24.15 0.42
N THR A 34 28.54 -23.75 1.26
CA THR A 34 28.37 -22.49 1.98
C THR A 34 29.74 -21.94 2.33
N ASN A 35 29.79 -20.63 2.59
CA ASN A 35 31.03 -20.03 3.07
C ASN A 35 31.19 -20.12 4.58
N ASN A 36 30.13 -20.48 5.31
CA ASN A 36 30.18 -20.40 6.78
C ASN A 36 29.17 -21.39 7.35
N LEU A 37 29.65 -22.59 7.69
CA LEU A 37 28.74 -23.64 8.17
C LEU A 37 28.00 -23.20 9.43
N LYS A 38 28.67 -22.48 10.32
CA LYS A 38 28.02 -22.07 11.56
C LYS A 38 26.89 -21.10 11.29
N ARG A 39 27.16 -20.03 10.53
CA ARG A 39 26.11 -19.05 10.24
C ARG A 39 25.00 -19.63 9.38
N ALA A 40 25.31 -20.58 8.49
CA ALA A 40 24.29 -21.24 7.71
C ALA A 40 23.24 -21.90 8.60
N ASN A 41 23.61 -22.29 9.81
CA ASN A 41 22.68 -22.93 10.73
C ASN A 41 22.24 -22.02 11.87
N GLN A 42 22.58 -20.73 11.83
CA GLN A 42 22.07 -19.78 12.81
C GLN A 42 20.73 -19.23 12.34
N ALA A 43 19.77 -19.15 13.26
CA ALA A 43 18.40 -18.82 12.93
C ALA A 43 18.10 -17.36 13.23
N PHE A 44 17.44 -16.70 12.29
CA PHE A 44 17.08 -15.28 12.41
C PHE A 44 15.58 -15.09 12.15
N LEU A 45 15.08 -13.91 12.50
CA LEU A 45 13.73 -13.54 12.07
C LEU A 45 13.63 -13.67 10.55
N PRO A 46 12.56 -14.28 10.02
CA PRO A 46 12.44 -14.39 8.55
C PRO A 46 12.06 -13.08 7.88
N ALA A 47 11.41 -12.17 8.62
CA ALA A 47 10.89 -10.93 8.09
C ALA A 47 10.14 -11.24 6.80
N SER A 48 10.32 -10.44 5.74
CA SER A 48 9.46 -10.58 4.57
C SER A 48 9.68 -11.88 3.79
N THR A 49 10.71 -12.68 4.10
CA THR A 49 10.74 -14.01 3.51
C THR A 49 9.56 -14.85 3.98
N PHE A 50 8.94 -14.47 5.09
CA PHE A 50 7.77 -15.16 5.59
C PHE A 50 6.56 -14.98 4.68
N KCX A 51 6.64 -14.06 3.73
CA KCX A 51 5.53 -13.88 2.82
CB KCX A 51 5.74 -12.61 1.96
CG KCX A 51 5.55 -11.32 2.79
CD KCX A 51 5.63 -10.04 1.96
CE KCX A 51 5.27 -8.80 2.79
NZ KCX A 51 6.34 -8.57 3.79
C KCX A 51 5.34 -15.13 1.96
O KCX A 51 4.26 -15.35 1.42
CX KCX A 51 6.15 -8.88 5.08
OQ1 KCX A 51 5.05 -9.34 5.45
OQ2 KCX A 51 7.07 -8.68 5.91
N ILE A 52 6.35 -15.99 1.86
CA ILE A 52 6.18 -17.23 1.11
C ILE A 52 5.22 -18.18 1.86
N PRO A 53 5.54 -18.60 3.10
CA PRO A 53 4.56 -19.44 3.80
C PRO A 53 3.23 -18.75 4.03
N ASN A 54 3.23 -17.44 4.31
CA ASN A 54 1.98 -16.72 4.56
C ASN A 54 1.08 -16.75 3.32
N SER A 55 1.68 -16.54 2.14
CA SER A 55 0.93 -16.63 0.89
C SER A 55 0.32 -18.02 0.71
N LEU A 56 1.11 -19.06 0.97
CA LEU A 56 0.64 -20.44 0.80
C LEU A 56 -0.56 -20.72 1.69
N ILE A 57 -0.47 -20.31 2.96
CA ILE A 57 -1.55 -20.59 3.90
C ILE A 57 -2.80 -19.82 3.54
N ALA A 58 -2.66 -18.53 3.22
CA ALA A 58 -3.82 -17.71 2.87
C ALA A 58 -4.55 -18.27 1.65
N LEU A 59 -3.81 -18.73 0.64
CA LEU A 59 -4.44 -19.31 -0.54
C LEU A 59 -5.13 -20.63 -0.21
N ASP A 60 -4.47 -21.51 0.53
CA ASP A 60 -5.06 -22.83 0.77
C ASP A 60 -6.30 -22.74 1.63
N LEU A 61 -6.39 -21.74 2.50
CA LEU A 61 -7.57 -21.58 3.35
C LEU A 61 -8.66 -20.74 2.71
N GLY A 62 -8.40 -20.14 1.54
CA GLY A 62 -9.39 -19.31 0.88
C GLY A 62 -9.42 -17.87 1.34
N VAL A 63 -8.49 -17.46 2.21
CA VAL A 63 -8.35 -16.05 2.56
C VAL A 63 -8.02 -15.22 1.32
N VAL A 64 -7.19 -15.78 0.43
CA VAL A 64 -6.89 -15.19 -0.86
C VAL A 64 -7.49 -16.12 -1.91
N LYS A 65 -8.36 -15.58 -2.77
CA LYS A 65 -9.05 -16.38 -3.77
C LYS A 65 -8.12 -16.79 -4.90
N ASP A 66 -7.33 -15.86 -5.41
CA ASP A 66 -6.39 -16.12 -6.49
C ASP A 66 -5.44 -14.93 -6.57
N GLU A 67 -4.52 -14.99 -7.54
CA GLU A 67 -3.46 -13.99 -7.64
C GLU A 67 -3.94 -12.67 -8.24
N HIS A 68 -5.22 -12.57 -8.61
CA HIS A 68 -5.81 -11.35 -9.15
C HIS A 68 -6.65 -10.59 -8.14
N GLN A 69 -7.05 -11.22 -7.04
CA GLN A 69 -7.89 -10.55 -6.06
C GLN A 69 -7.20 -9.29 -5.55
N VAL A 70 -7.95 -8.18 -5.53
CA VAL A 70 -7.39 -6.89 -5.16
C VAL A 70 -7.58 -6.66 -3.67
N PHE A 71 -6.50 -6.31 -2.99
CA PHE A 71 -6.53 -5.91 -1.59
C PHE A 71 -6.36 -4.40 -1.55
N LYS A 72 -7.45 -3.71 -1.21
CA LYS A 72 -7.50 -2.27 -1.34
C LYS A 72 -6.60 -1.61 -0.31
N TRP A 73 -5.88 -0.56 -0.73
CA TRP A 73 -5.16 0.27 0.22
C TRP A 73 -6.12 0.80 1.27
N ASP A 74 -5.69 0.75 2.53
CA ASP A 74 -6.54 1.21 3.62
C ASP A 74 -6.55 2.73 3.79
N GLY A 75 -5.86 3.47 2.93
CA GLY A 75 -5.91 4.91 2.98
C GLY A 75 -4.99 5.53 4.02
N GLN A 76 -4.20 4.74 4.72
CA GLN A 76 -3.28 5.28 5.70
C GLN A 76 -1.93 5.46 5.01
N THR A 77 -1.45 6.70 4.96
CA THR A 77 -0.20 6.98 4.28
C THR A 77 0.97 6.41 5.07
N ARG A 78 1.75 5.54 4.43
CA ARG A 78 2.97 4.99 5.01
C ARG A 78 4.17 5.49 4.22
N ASP A 79 5.37 5.27 4.77
CA ASP A 79 6.57 5.89 4.21
C ASP A 79 7.14 5.15 3.00
N ILE A 80 6.60 3.99 2.64
CA ILE A 80 7.00 3.30 1.42
C ILE A 80 5.93 3.60 0.36
N ALA A 81 6.30 4.41 -0.63
CA ALA A 81 5.31 4.92 -1.58
C ALA A 81 4.53 3.81 -2.26
N THR A 82 5.20 2.73 -2.66
N THR A 82 5.21 2.72 -2.67
CA THR A 82 4.51 1.65 -3.35
CA THR A 82 4.51 1.64 -3.35
C THR A 82 3.51 0.92 -2.46
C THR A 82 3.53 0.90 -2.46
N TRP A 83 3.55 1.14 -1.14
CA TRP A 83 2.57 0.53 -0.26
C TRP A 83 1.25 1.30 -0.24
N ASN A 84 1.25 2.55 -0.67
CA ASN A 84 0.06 3.41 -0.62
C ASN A 84 -0.73 3.27 -1.93
N ARG A 85 -1.09 2.03 -2.23
N ARG A 85 -1.15 2.05 -2.20
CA ARG A 85 -1.82 1.69 -3.45
CA ARG A 85 -1.89 1.74 -3.42
C ARG A 85 -2.49 0.34 -3.26
C ARG A 85 -2.47 0.33 -3.28
N ASP A 86 -3.41 0.03 -4.17
CA ASP A 86 -4.01 -1.30 -4.19
C ASP A 86 -3.00 -2.32 -4.67
N HIS A 87 -3.18 -3.57 -4.21
CA HIS A 87 -2.28 -4.65 -4.56
C HIS A 87 -3.05 -5.94 -4.79
N ASN A 88 -2.44 -6.83 -5.55
CA ASN A 88 -2.83 -8.23 -5.56
C ASN A 88 -1.68 -9.04 -5.01
N LEU A 89 -1.80 -10.36 -5.06
CA LEU A 89 -0.76 -11.21 -4.47
C LEU A 89 0.58 -10.99 -5.16
N ILE A 90 0.57 -10.81 -6.49
CA ILE A 90 1.80 -10.65 -7.25
C ILE A 90 2.53 -9.37 -6.85
N THR A 91 1.81 -8.24 -6.84
CA THR A 91 2.46 -6.98 -6.55
C THR A 91 2.73 -6.84 -5.05
N ALA A 92 1.90 -7.47 -4.21
CA ALA A 92 2.13 -7.43 -2.78
C ALA A 92 3.43 -8.14 -2.42
N MET A 93 3.72 -9.25 -3.12
N MET A 93 3.76 -9.22 -3.14
CA MET A 93 5.00 -9.93 -2.99
CA MET A 93 5.05 -9.86 -2.89
C MET A 93 6.14 -9.07 -3.51
C MET A 93 6.19 -9.09 -3.53
N LYS A 94 5.96 -8.53 -4.71
CA LYS A 94 7.02 -7.78 -5.39
C LYS A 94 7.49 -6.59 -4.57
N TYR A 95 6.57 -5.84 -3.96
CA TYR A 95 6.93 -4.66 -3.19
C TYR A 95 6.96 -4.93 -1.68
N SER A 96 6.88 -6.20 -1.28
N SER A 96 6.84 -6.19 -1.28
CA SER A 96 6.97 -6.61 0.12
CA SER A 96 6.96 -6.62 0.11
C SER A 96 6.02 -5.79 1.00
C SER A 96 6.02 -5.81 1.01
N VAL A 97 4.75 -5.81 0.63
CA VAL A 97 3.75 -4.93 1.25
C VAL A 97 3.26 -5.50 2.57
N VAL A 98 3.94 -5.13 3.65
CA VAL A 98 3.63 -5.66 4.97
C VAL A 98 2.16 -5.54 5.32
N PRO A 99 1.50 -4.38 5.16
CA PRO A 99 0.12 -4.27 5.68
C PRO A 99 -0.85 -5.22 5.01
N VAL A 100 -0.63 -5.59 3.74
CA VAL A 100 -1.46 -6.60 3.11
C VAL A 100 -1.31 -7.94 3.82
N TYR A 101 -0.07 -8.34 4.07
CA TYR A 101 0.17 -9.63 4.70
C TYR A 101 -0.24 -9.64 6.17
N GLN A 102 -0.21 -8.48 6.83
CA GLN A 102 -0.75 -8.43 8.18
C GLN A 102 -2.25 -8.76 8.20
N GLU A 103 -2.99 -8.25 7.21
CA GLU A 103 -4.40 -8.61 7.13
C GLU A 103 -4.59 -10.10 6.82
N PHE A 104 -3.79 -10.68 5.91
CA PHE A 104 -3.83 -12.12 5.72
C PHE A 104 -3.73 -12.85 7.05
N ALA A 105 -2.72 -12.47 7.85
CA ALA A 105 -2.41 -13.20 9.08
C ALA A 105 -3.57 -13.11 10.07
N ARG A 106 -4.21 -11.94 10.17
CA ARG A 106 -5.35 -11.79 11.07
C ARG A 106 -6.47 -12.73 10.69
N GLN A 107 -6.72 -12.88 9.38
CA GLN A 107 -7.80 -13.74 8.90
C GLN A 107 -7.45 -15.20 9.03
N ILE A 108 -6.17 -15.55 8.87
CA ILE A 108 -5.74 -16.93 9.13
C ILE A 108 -5.96 -17.26 10.59
N GLY A 109 -5.47 -16.39 11.49
CA GLY A 109 -5.62 -16.59 12.91
C GLY A 109 -4.50 -17.45 13.50
N GLU A 110 -4.29 -17.29 14.81
CA GLU A 110 -3.16 -17.96 15.46
C GLU A 110 -3.26 -19.47 15.34
N ALA A 111 -4.43 -20.05 15.56
CA ALA A 111 -4.55 -21.51 15.59
C ALA A 111 -4.16 -22.12 14.25
N ARG A 112 -4.72 -21.61 13.16
CA ARG A 112 -4.41 -22.16 11.85
C ARG A 112 -2.98 -21.85 11.42
N MET A 113 -2.49 -20.66 11.73
CA MET A 113 -1.12 -20.32 11.38
C MET A 113 -0.12 -21.29 12.03
N SER A 114 -0.28 -21.55 13.32
CA SER A 114 0.65 -22.41 14.04
C SER A 114 0.64 -23.82 13.48
N LYS A 115 -0.53 -24.39 13.25
CA LYS A 115 -0.54 -25.77 12.76
C LYS A 115 -0.01 -25.87 11.34
N MET A 116 -0.21 -24.85 10.50
CA MET A 116 0.36 -24.92 9.15
C MET A 116 1.88 -24.80 9.17
N LEU A 117 2.44 -23.95 10.03
CA LEU A 117 3.90 -23.88 10.11
C LEU A 117 4.50 -25.18 10.64
N HIS A 118 3.80 -25.86 11.53
CA HIS A 118 4.24 -27.20 11.90
C HIS A 118 4.13 -28.15 10.71
N ALA A 119 3.02 -28.08 9.98
CA ALA A 119 2.86 -28.96 8.81
C ALA A 119 3.96 -28.71 7.79
N PHE A 120 4.39 -27.46 7.64
CA PHE A 120 5.49 -27.08 6.75
C PHE A 120 6.87 -27.40 7.30
N ASP A 121 6.99 -27.78 8.57
CA ASP A 121 8.29 -27.96 9.21
C ASP A 121 9.11 -26.67 9.11
N TYR A 122 8.45 -25.53 9.28
CA TYR A 122 9.04 -24.22 8.97
C TYR A 122 9.77 -23.65 10.19
N GLY A 123 11.10 -23.57 10.11
CA GLY A 123 11.89 -22.93 11.14
C GLY A 123 11.63 -23.52 12.51
N ASN A 124 11.54 -22.66 13.52
CA ASN A 124 11.24 -23.12 14.87
C ASN A 124 9.75 -23.21 15.13
N GLU A 125 8.92 -22.95 14.12
CA GLU A 125 7.46 -23.17 14.16
C GLU A 125 6.78 -22.39 15.27
N ASP A 126 7.39 -21.31 15.75
CA ASP A 126 6.95 -20.60 16.95
C ASP A 126 6.41 -19.24 16.53
N ILE A 127 5.10 -19.03 16.71
CA ILE A 127 4.46 -17.78 16.31
C ILE A 127 4.20 -16.85 17.50
N SER A 128 4.87 -17.08 18.63
CA SER A 128 4.64 -16.25 19.80
C SER A 128 4.79 -14.78 19.45
N GLY A 129 3.92 -13.96 20.03
CA GLY A 129 3.87 -12.54 19.71
C GLY A 129 2.51 -12.21 19.10
N ASN A 130 2.40 -11.05 18.46
CA ASN A 130 1.16 -10.67 17.81
C ASN A 130 0.98 -11.41 16.49
N VAL A 131 -0.24 -11.86 16.24
CA VAL A 131 -0.50 -12.65 15.04
C VAL A 131 -0.19 -11.86 13.78
N ASP A 132 -0.26 -10.53 13.82
CA ASP A 132 -0.03 -9.74 12.61
C ASP A 132 1.37 -9.14 12.58
N SER A 133 2.27 -9.61 13.42
CA SER A 133 3.64 -9.12 13.31
C SER A 133 4.70 -10.09 13.80
N PHE A 134 4.38 -11.35 14.10
CA PHE A 134 5.33 -12.22 14.77
C PHE A 134 6.57 -12.49 13.92
N TRP A 135 6.44 -12.43 12.59
CA TRP A 135 7.58 -12.63 11.70
C TRP A 135 8.51 -11.43 11.63
N LEU A 136 8.10 -10.31 12.21
CA LEU A 136 8.93 -9.11 12.28
C LEU A 136 9.48 -8.87 13.66
N ASP A 137 8.75 -9.24 14.71
CA ASP A 137 9.25 -8.98 16.06
C ASP A 137 8.74 -9.98 17.08
N GLY A 138 8.33 -11.18 16.66
CA GLY A 138 7.89 -12.21 17.58
C GLY A 138 8.91 -13.32 17.70
N GLY A 139 8.47 -14.55 17.94
CA GLY A 139 9.37 -15.63 18.28
C GLY A 139 9.82 -16.52 17.16
N ILE A 140 9.35 -16.31 15.93
CA ILE A 140 9.67 -17.21 14.83
C ILE A 140 11.11 -16.97 14.39
N ARG A 141 11.81 -18.06 14.11
CA ARG A 141 13.20 -18.02 13.67
C ARG A 141 13.44 -19.11 12.64
N ILE A 142 14.30 -18.82 11.67
CA ILE A 142 14.64 -19.80 10.64
C ILE A 142 16.08 -19.55 10.20
N SER A 143 16.80 -20.63 9.90
CA SER A 143 18.16 -20.55 9.37
C SER A 143 18.18 -20.64 7.84
N ALA A 144 19.35 -20.30 7.28
CA ALA A 144 19.52 -20.38 5.84
C ALA A 144 19.35 -21.81 5.33
N THR A 145 19.88 -22.80 6.06
CA THR A 145 19.68 -24.18 5.61
C THR A 145 18.23 -24.62 5.74
N GLU A 146 17.52 -24.12 6.77
CA GLU A 146 16.10 -24.39 6.91
C GLU A 146 15.28 -23.74 5.80
N GLN A 147 15.70 -22.56 5.31
CA GLN A 147 15.01 -21.97 4.17
C GLN A 147 15.14 -22.88 2.95
N ILE A 148 16.33 -23.44 2.73
CA ILE A 148 16.56 -24.35 1.61
C ILE A 148 15.62 -25.54 1.70
N SER A 149 15.52 -26.14 2.88
N SER A 149 15.53 -26.14 2.89
CA SER A 149 14.69 -27.34 3.03
CA SER A 149 14.70 -27.32 3.08
C SER A 149 13.23 -27.03 2.72
C SER A 149 13.25 -27.03 2.70
N PHE A 150 12.74 -25.89 3.18
CA PHE A 150 11.37 -25.49 2.88
C PHE A 150 11.18 -25.22 1.38
N LEU A 151 12.10 -24.47 0.77
CA LEU A 151 11.98 -24.13 -0.64
C LEU A 151 12.03 -25.37 -1.53
N ARG A 152 12.85 -26.35 -1.18
CA ARG A 152 12.89 -27.56 -1.98
C ARG A 152 11.54 -28.26 -1.98
N LYS A 153 10.87 -28.29 -0.83
CA LYS A 153 9.53 -28.88 -0.81
C LYS A 153 8.58 -28.10 -1.69
N LEU A 154 8.63 -26.77 -1.61
CA LEU A 154 7.79 -25.94 -2.45
C LEU A 154 8.04 -26.22 -3.93
N TYR A 155 9.31 -26.26 -4.32
CA TYR A 155 9.65 -26.50 -5.71
C TYR A 155 9.02 -27.80 -6.22
N HIS A 156 9.05 -28.84 -5.40
CA HIS A 156 8.55 -30.16 -5.77
C HIS A 156 7.08 -30.37 -5.47
N ASN A 157 6.37 -29.33 -5.03
CA ASN A 157 4.95 -29.40 -4.68
C ASN A 157 4.68 -30.39 -3.55
N LYS A 158 5.62 -30.53 -2.62
CA LYS A 158 5.51 -31.50 -1.55
C LYS A 158 5.03 -30.90 -0.24
N LEU A 159 4.83 -29.59 -0.17
CA LEU A 159 4.26 -29.02 1.05
C LEU A 159 2.82 -29.47 1.21
N HIS A 160 2.36 -29.47 2.47
CA HIS A 160 1.02 -29.97 2.80
C HIS A 160 -0.04 -28.90 2.58
N VAL A 161 -0.07 -28.40 1.34
CA VAL A 161 -1.15 -27.60 0.80
C VAL A 161 -1.35 -28.05 -0.64
N SER A 162 -2.39 -27.55 -1.28
CA SER A 162 -2.73 -28.01 -2.62
C SER A 162 -1.63 -27.66 -3.63
N GLU A 163 -1.58 -28.43 -4.71
CA GLU A 163 -0.68 -28.10 -5.81
C GLU A 163 -0.96 -26.71 -6.34
N ARG A 164 -2.24 -26.34 -6.44
CA ARG A 164 -2.62 -25.02 -6.93
C ARG A 164 -1.99 -23.92 -6.09
N SER A 165 -2.09 -24.04 -4.76
CA SER A 165 -1.52 -23.02 -3.89
C SER A 165 -0.01 -22.87 -4.12
N GLN A 166 0.68 -23.99 -4.27
CA GLN A 166 2.12 -23.92 -4.47
C GLN A 166 2.47 -23.32 -5.83
N ARG A 167 1.71 -23.67 -6.87
CA ARG A 167 1.97 -23.10 -8.19
C ARG A 167 1.77 -21.58 -8.17
N ILE A 168 0.73 -21.12 -7.48
CA ILE A 168 0.45 -19.68 -7.47
C ILE A 168 1.56 -18.93 -6.75
N VAL A 169 2.02 -19.45 -5.61
CA VAL A 169 3.07 -18.75 -4.88
C VAL A 169 4.38 -18.77 -5.66
N LYS A 170 4.69 -19.87 -6.35
CA LYS A 170 5.90 -19.90 -7.17
C LYS A 170 5.82 -18.90 -8.32
N GLN A 171 4.62 -18.71 -8.89
CA GLN A 171 4.43 -17.63 -9.85
C GLN A 171 4.71 -16.28 -9.19
N ALA A 172 4.17 -16.06 -8.00
CA ALA A 172 4.35 -14.79 -7.30
C ALA A 172 5.81 -14.54 -6.91
N MET A 173 6.61 -15.59 -6.76
CA MET A 173 8.03 -15.44 -6.47
C MET A 173 8.87 -15.06 -7.68
N LEU A 174 8.30 -15.08 -8.88
CA LEU A 174 9.07 -14.79 -10.08
C LEU A 174 9.79 -13.45 -9.95
N THR A 175 11.10 -13.46 -10.12
CA THR A 175 11.92 -12.26 -9.92
C THR A 175 12.68 -11.85 -11.16
N GLU A 176 13.25 -12.81 -11.88
CA GLU A 176 14.02 -12.47 -13.06
C GLU A 176 13.96 -13.65 -14.02
N ALA A 177 13.92 -13.35 -15.32
CA ALA A 177 13.94 -14.40 -16.33
C ALA A 177 14.54 -13.86 -17.60
N ASN A 178 15.40 -14.68 -18.22
CA ASN A 178 15.99 -14.37 -19.50
C ASN A 178 16.30 -15.70 -20.19
N GLY A 179 17.02 -15.64 -21.30
CA GLY A 179 17.34 -16.86 -22.02
C GLY A 179 18.29 -17.79 -21.29
N ASP A 180 18.93 -17.33 -20.21
CA ASP A 180 19.92 -18.13 -19.51
C ASP A 180 19.41 -18.74 -18.21
N TYR A 181 18.47 -18.10 -17.52
CA TYR A 181 18.04 -18.60 -16.23
C TYR A 181 16.73 -17.93 -15.80
N ILE A 182 16.07 -18.56 -14.83
CA ILE A 182 14.91 -18.00 -14.16
C ILE A 182 15.22 -18.00 -12.67
N ILE A 183 14.95 -16.88 -12.00
CA ILE A 183 15.09 -16.78 -10.54
C ILE A 183 13.72 -16.55 -9.95
N ARG A 184 13.35 -17.42 -9.02
CA ARG A 184 12.18 -17.26 -8.16
C ARG A 184 12.69 -17.11 -6.73
N ALA A 185 12.32 -16.02 -6.07
CA ALA A 185 12.98 -15.67 -4.81
C ALA A 185 12.14 -14.67 -4.04
N LYS A 186 12.56 -14.43 -2.78
CA LYS A 186 11.92 -13.41 -1.95
C LYS A 186 12.97 -12.76 -1.06
N THR A 187 12.95 -11.44 -1.01
CA THR A 187 13.83 -10.68 -0.13
C THR A 187 13.23 -10.57 1.28
N GLY A 188 14.12 -10.30 2.23
CA GLY A 188 13.73 -9.96 3.58
C GLY A 188 14.67 -8.93 4.17
N TYR A 189 14.13 -8.18 5.14
CA TYR A 189 14.86 -7.11 5.82
C TYR A 189 14.35 -7.06 7.25
N SER A 190 15.16 -7.51 8.21
CA SER A 190 14.76 -7.59 9.61
C SER A 190 15.47 -6.48 10.39
N THR A 191 14.69 -5.58 11.01
CA THR A 191 15.24 -4.45 11.72
C THR A 191 14.82 -4.35 13.18
N ARG A 192 13.79 -5.09 13.62
CA ARG A 192 13.20 -4.83 14.93
C ARG A 192 13.94 -5.48 16.08
N ILE A 193 14.79 -6.49 15.83
CA ILE A 193 15.62 -7.11 16.84
C ILE A 193 17.01 -7.28 16.27
N GLU A 194 18.05 -7.12 17.10
CA GLU A 194 19.41 -7.26 16.63
C GLU A 194 19.78 -8.74 16.48
N PRO A 195 20.66 -9.08 15.52
CA PRO A 195 21.30 -8.16 14.56
C PRO A 195 20.36 -7.84 13.39
N LYS A 196 20.36 -6.61 12.90
CA LYS A 196 19.60 -6.29 11.70
C LYS A 196 20.24 -7.02 10.51
N ILE A 197 19.41 -7.70 9.73
CA ILE A 197 19.91 -8.51 8.61
C ILE A 197 19.03 -8.32 7.38
N GLY A 198 19.63 -8.62 6.24
CA GLY A 198 18.91 -8.77 4.99
C GLY A 198 18.95 -10.23 4.56
N TRP A 199 17.88 -10.67 3.90
CA TRP A 199 17.73 -12.03 3.37
C TRP A 199 17.52 -11.96 1.86
N TRP A 200 17.96 -13.01 1.16
CA TRP A 200 17.43 -13.34 -0.16
C TRP A 200 17.40 -14.85 -0.27
N VAL A 201 16.23 -15.43 -0.49
CA VAL A 201 16.07 -16.89 -0.57
C VAL A 201 15.26 -17.24 -1.80
N GLY A 202 15.57 -18.38 -2.41
CA GLY A 202 14.88 -18.78 -3.64
C GLY A 202 15.67 -19.85 -4.39
N TRP A 203 15.54 -19.82 -5.72
CA TRP A 203 16.29 -20.78 -6.53
C TRP A 203 16.49 -20.23 -7.94
N VAL A 204 17.45 -20.85 -8.63
CA VAL A 204 17.79 -20.53 -10.01
C VAL A 204 17.44 -21.74 -10.85
N GLU A 205 16.56 -21.56 -11.84
CA GLU A 205 16.19 -22.62 -12.76
C GLU A 205 17.06 -22.55 -14.00
N LEU A 206 17.73 -23.64 -14.32
CA LEU A 206 18.49 -23.80 -15.56
C LEU A 206 17.78 -24.83 -16.44
N ASP A 207 18.27 -24.97 -17.68
CA ASP A 207 17.70 -25.96 -18.59
C ASP A 207 17.65 -27.35 -17.97
N ASP A 208 18.72 -27.75 -17.27
CA ASP A 208 18.86 -29.14 -16.83
C ASP A 208 19.24 -29.29 -15.36
N ASN A 209 19.02 -28.27 -14.54
CA ASN A 209 19.31 -28.35 -13.10
C ASN A 209 18.62 -27.16 -12.42
N VAL A 210 18.54 -27.23 -11.09
N VAL A 210 18.51 -27.26 -11.09
CA VAL A 210 18.04 -26.13 -10.28
CA VAL A 210 18.03 -26.18 -10.23
C VAL A 210 18.94 -25.97 -9.07
C VAL A 210 19.03 -25.99 -9.11
N TRP A 211 19.39 -24.73 -8.83
CA TRP A 211 20.24 -24.38 -7.71
C TRP A 211 19.42 -23.57 -6.72
N PHE A 212 19.20 -24.13 -5.54
CA PHE A 212 18.54 -23.40 -4.47
C PHE A 212 19.56 -22.53 -3.74
N PHE A 213 19.09 -21.39 -3.23
CA PHE A 213 19.99 -20.52 -2.50
C PHE A 213 19.26 -19.86 -1.35
N ALA A 214 20.03 -19.56 -0.31
CA ALA A 214 19.55 -18.77 0.82
C ALA A 214 20.74 -18.00 1.39
N MET A 215 20.58 -16.70 1.51
CA MET A 215 21.63 -15.84 2.02
C MET A 215 21.05 -14.89 3.04
N ASN A 216 21.84 -14.59 4.07
CA ASN A 216 21.56 -13.43 4.90
C ASN A 216 22.86 -12.71 5.21
N MET A 217 22.73 -11.43 5.57
CA MET A 217 23.89 -10.60 5.79
C MET A 217 23.52 -9.49 6.75
N ASP A 218 24.51 -9.04 7.52
CA ASP A 218 24.31 -7.92 8.41
C ASP A 218 23.91 -6.68 7.60
N MET A 219 22.97 -5.92 8.12
CA MET A 219 22.36 -4.80 7.40
C MET A 219 22.17 -3.64 8.37
N PRO A 220 23.27 -3.01 8.79
CA PRO A 220 23.14 -1.90 9.76
C PRO A 220 22.32 -0.72 9.24
N THR A 221 22.27 -0.51 7.93
CA THR A 221 21.44 0.55 7.36
C THR A 221 20.79 0.03 6.08
N SER A 222 19.73 0.73 5.65
CA SER A 222 19.01 0.32 4.44
C SER A 222 19.81 0.58 3.18
N ASP A 223 20.92 1.31 3.29
CA ASP A 223 21.72 1.65 2.12
C ASP A 223 22.36 0.41 1.48
N GLY A 224 22.53 -0.66 2.24
CA GLY A 224 23.15 -1.86 1.74
C GLY A 224 22.22 -2.91 1.18
N LEU A 225 20.92 -2.61 1.05
CA LEU A 225 19.96 -3.66 0.69
C LEU A 225 20.27 -4.27 -0.66
N GLY A 226 20.78 -3.48 -1.60
CA GLY A 226 21.09 -4.01 -2.92
C GLY A 226 22.17 -5.07 -2.92
N LEU A 227 22.96 -5.16 -1.84
CA LEU A 227 23.99 -6.18 -1.73
C LEU A 227 23.42 -7.59 -1.56
N ARG A 228 22.19 -7.71 -1.08
CA ARG A 228 21.59 -9.04 -0.96
C ARG A 228 21.62 -9.76 -2.31
N GLN A 229 21.13 -9.11 -3.36
CA GLN A 229 21.15 -9.73 -4.69
C GLN A 229 22.53 -9.68 -5.31
N ALA A 230 23.25 -8.57 -5.13
CA ALA A 230 24.53 -8.41 -5.82
C ALA A 230 25.54 -9.45 -5.34
N ILE A 231 25.63 -9.67 -4.02
CA ILE A 231 26.58 -10.65 -3.50
C ILE A 231 26.19 -12.06 -3.92
N THR A 232 24.91 -12.41 -3.82
CA THR A 232 24.45 -13.72 -4.25
C THR A 232 24.83 -13.96 -5.72
N LYS A 233 24.56 -12.97 -6.59
CA LYS A 233 24.85 -13.15 -8.00
C LYS A 233 26.35 -13.25 -8.29
N GLU A 234 27.20 -12.58 -7.50
CA GLU A 234 28.64 -12.75 -7.70
C GLU A 234 29.06 -14.18 -7.37
N VAL A 235 28.47 -14.77 -6.33
CA VAL A 235 28.74 -16.16 -6.01
C VAL A 235 28.27 -17.07 -7.14
N LEU A 236 27.04 -16.85 -7.61
CA LEU A 236 26.53 -17.66 -8.72
C LEU A 236 27.43 -17.54 -9.94
N LYS A 237 27.91 -16.33 -10.25
CA LYS A 237 28.81 -16.14 -11.39
C LYS A 237 30.15 -16.85 -11.16
N GLN A 238 30.70 -16.75 -9.96
CA GLN A 238 31.97 -17.41 -9.67
C GLN A 238 31.84 -18.92 -9.84
N GLU A 239 30.71 -19.49 -9.45
CA GLU A 239 30.47 -20.92 -9.58
C GLU A 239 29.93 -21.29 -10.95
N LYS A 240 29.92 -20.37 -11.91
CA LYS A 240 29.52 -20.64 -13.28
C LYS A 240 28.08 -21.14 -13.35
N ILE A 241 27.26 -20.73 -12.39
CA ILE A 241 25.85 -21.09 -12.41
C ILE A 241 25.08 -20.16 -13.34
N ILE A 242 25.44 -18.88 -13.33
CA ILE A 242 24.90 -17.90 -14.27
C ILE A 242 26.06 -17.20 -14.96
N PRO A 243 25.84 -16.67 -16.17
CA PRO A 243 26.92 -15.94 -16.85
C PRO A 243 27.23 -14.62 -16.14
N LYS B 1 -17.04 30.37 26.69
CA LYS B 1 -15.69 30.28 26.11
C LYS B 1 -15.74 30.38 24.59
N GLU B 2 -14.69 29.88 23.93
CA GLU B 2 -14.63 29.94 22.47
C GLU B 2 -15.37 28.77 21.84
N TRP B 3 -15.34 27.60 22.47
CA TRP B 3 -16.08 26.43 22.03
C TRP B 3 -16.93 25.91 23.17
N GLN B 4 -18.20 25.63 22.89
CA GLN B 4 -19.14 25.14 23.89
C GLN B 4 -19.77 23.84 23.40
N GLU B 5 -19.87 22.88 24.30
CA GLU B 5 -20.49 21.59 23.99
C GLU B 5 -21.95 21.64 24.41
N ASN B 6 -22.84 21.25 23.50
CA ASN B 6 -24.27 21.21 23.76
C ASN B 6 -24.76 19.79 23.47
N LYS B 7 -24.76 18.93 24.50
CA LYS B 7 -25.17 17.54 24.31
C LYS B 7 -26.67 17.39 24.05
N SER B 8 -27.45 18.45 24.21
CA SER B 8 -28.88 18.36 23.90
C SER B 8 -29.12 17.98 22.45
N TRP B 9 -28.21 18.34 21.55
CA TRP B 9 -28.40 18.01 20.14
C TRP B 9 -28.30 16.51 19.90
N ASN B 10 -27.69 15.76 20.81
CA ASN B 10 -27.58 14.32 20.64
C ASN B 10 -28.94 13.67 20.42
N ALA B 11 -30.01 14.30 20.95
CA ALA B 11 -31.34 13.74 20.76
C ALA B 11 -31.72 13.66 19.28
N HIS B 12 -31.30 14.65 18.49
CA HIS B 12 -31.63 14.64 17.07
C HIS B 12 -30.94 13.50 16.34
N PHE B 13 -29.81 13.01 16.86
CA PHE B 13 -29.15 11.85 16.28
C PHE B 13 -29.82 10.56 16.72
N THR B 14 -30.05 10.41 18.04
CA THR B 14 -30.62 9.17 18.54
C THR B 14 -32.06 8.99 18.07
N GLU B 15 -32.79 10.08 17.86
CA GLU B 15 -34.14 9.98 17.30
C GLU B 15 -34.13 9.18 16.00
N HIS B 16 -33.09 9.35 15.20
CA HIS B 16 -32.95 8.64 13.94
C HIS B 16 -31.98 7.47 14.01
N LYS B 17 -31.65 7.02 15.23
CA LYS B 17 -30.72 5.90 15.41
C LYS B 17 -29.41 6.15 14.65
N SER B 18 -28.85 7.34 14.85
CA SER B 18 -27.67 7.79 14.12
C SER B 18 -26.59 8.23 15.10
N GLN B 19 -25.34 8.22 14.62
CA GLN B 19 -24.19 8.77 15.34
C GLN B 19 -23.53 9.83 14.47
N GLY B 20 -23.15 10.94 15.08
CA GLY B 20 -22.47 11.98 14.33
C GLY B 20 -22.24 13.22 15.17
N VAL B 21 -21.83 14.28 14.48
CA VAL B 21 -21.54 15.57 15.09
C VAL B 21 -22.11 16.68 14.22
N VAL B 22 -22.57 17.75 14.86
N VAL B 22 -22.62 17.72 14.86
CA VAL B 22 -22.92 19.00 14.22
CA VAL B 22 -22.90 18.99 14.20
C VAL B 22 -22.09 20.10 14.86
C VAL B 22 -22.03 20.05 14.86
N VAL B 23 -21.38 20.88 14.04
CA VAL B 23 -20.58 21.99 14.51
C VAL B 23 -21.13 23.27 13.91
N LEU B 24 -21.39 24.26 14.76
CA LEU B 24 -21.88 25.57 14.35
C LEU B 24 -20.88 26.64 14.76
N TRP B 25 -20.79 27.69 13.96
CA TRP B 25 -19.93 28.82 14.25
C TRP B 25 -20.68 30.13 14.01
N ASN B 26 -20.83 30.92 15.07
CA ASN B 26 -21.47 32.23 15.02
C ASN B 26 -20.40 33.25 14.62
N GLU B 27 -20.51 33.77 13.40
CA GLU B 27 -19.46 34.64 12.87
C GLU B 27 -19.41 35.97 13.60
N ASN B 28 -20.56 36.58 13.89
CA ASN B 28 -20.56 37.86 14.60
C ASN B 28 -19.89 37.74 15.96
N LYS B 29 -20.27 36.69 16.71
CA LYS B 29 -19.80 36.51 18.08
C LYS B 29 -18.50 35.72 18.15
N GLN B 30 -18.04 35.14 17.05
CA GLN B 30 -16.82 34.35 17.03
C GLN B 30 -16.84 33.25 18.08
N GLN B 31 -17.95 32.49 18.09
CA GLN B 31 -18.15 31.41 19.04
C GLN B 31 -18.63 30.16 18.32
N GLY B 32 -18.16 29.00 18.75
CA GLY B 32 -18.53 27.73 18.16
C GLY B 32 -19.31 26.86 19.13
N PHE B 33 -20.13 25.96 18.58
CA PHE B 33 -21.01 25.11 19.36
C PHE B 33 -21.06 23.73 18.70
N THR B 34 -21.06 22.68 19.51
CA THR B 34 -21.16 21.33 18.97
C THR B 34 -21.72 20.40 20.03
N ASN B 35 -22.24 19.27 19.57
CA ASN B 35 -22.69 18.22 20.49
C ASN B 35 -21.57 17.29 20.93
N ASN B 36 -20.41 17.32 20.28
CA ASN B 36 -19.34 16.35 20.56
C ASN B 36 -18.02 16.99 20.15
N LEU B 37 -17.31 17.56 21.13
CA LEU B 37 -16.08 18.30 20.84
C LEU B 37 -15.03 17.40 20.19
N LYS B 38 -14.92 16.15 20.62
CA LYS B 38 -13.88 15.28 20.07
C LYS B 38 -14.18 14.91 18.63
N ARG B 39 -15.41 14.48 18.33
CA ARG B 39 -15.71 14.16 16.94
C ARG B 39 -15.65 15.40 16.07
N ALA B 40 -15.94 16.58 16.65
CA ALA B 40 -15.81 17.81 15.89
C ALA B 40 -14.40 17.99 15.35
N ASN B 41 -13.40 17.42 16.02
CA ASN B 41 -12.01 17.53 15.57
C ASN B 41 -11.50 16.22 14.97
N GLN B 42 -12.35 15.23 14.78
CA GLN B 42 -11.91 13.99 14.17
C GLN B 42 -11.86 14.20 12.66
N ALA B 43 -10.76 13.77 12.05
CA ALA B 43 -10.52 14.05 10.64
C ALA B 43 -10.94 12.84 9.82
N PHE B 44 -11.74 13.09 8.78
CA PHE B 44 -12.27 12.06 7.91
C PHE B 44 -11.95 12.39 6.46
N LEU B 45 -12.10 11.41 5.58
CA LEU B 45 -12.09 11.69 4.16
C LEU B 45 -13.16 12.73 3.84
N PRO B 46 -12.86 13.76 3.05
CA PRO B 46 -13.88 14.76 2.73
C PRO B 46 -14.93 14.28 1.74
N ALA B 47 -14.62 13.27 0.95
CA ALA B 47 -15.50 12.83 -0.14
C ALA B 47 -15.94 14.03 -0.96
N SER B 48 -17.22 14.08 -1.36
CA SER B 48 -17.63 15.11 -2.29
C SER B 48 -17.62 16.52 -1.70
N THR B 49 -17.38 16.70 -0.40
CA THR B 49 -17.16 18.06 0.08
C THR B 49 -15.90 18.64 -0.55
N PHE B 50 -15.01 17.80 -1.06
CA PHE B 50 -13.80 18.26 -1.73
C PHE B 50 -14.08 18.98 -3.05
N KCX B 51 -15.31 18.89 -3.54
CA KCX B 51 -15.64 19.57 -4.77
CB KCX B 51 -17.03 19.15 -5.28
CG KCX B 51 -17.02 17.71 -5.86
CD KCX B 51 -18.34 17.27 -6.48
CE KCX B 51 -18.20 15.87 -7.13
NZ KCX B 51 -17.97 14.81 -6.12
C KCX B 51 -15.54 21.10 -4.58
O KCX B 51 -15.35 21.83 -5.55
CX KCX B 51 -16.77 14.27 -5.94
OQ1 KCX B 51 -16.61 13.40 -5.07
OQ2 KCX B 51 -15.82 14.63 -6.66
N ILE B 52 -15.62 21.59 -3.35
CA ILE B 52 -15.42 23.03 -3.11
C ILE B 52 -13.99 23.46 -3.45
N PRO B 53 -12.95 22.93 -2.76
CA PRO B 53 -11.59 23.33 -3.15
C PRO B 53 -11.26 22.93 -4.58
N ASN B 54 -11.76 21.78 -5.03
CA ASN B 54 -11.45 21.34 -6.40
C ASN B 54 -11.99 22.33 -7.43
N SER B 55 -13.22 22.83 -7.23
CA SER B 55 -13.77 23.84 -8.13
C SER B 55 -12.93 25.10 -8.11
N LEU B 56 -12.50 25.55 -6.93
CA LEU B 56 -11.71 26.77 -6.82
C LEU B 56 -10.42 26.66 -7.62
N ILE B 57 -9.72 25.53 -7.49
CA ILE B 57 -8.45 25.34 -8.17
C ILE B 57 -8.66 25.25 -9.67
N ALA B 58 -9.65 24.46 -10.10
CA ALA B 58 -9.89 24.30 -11.53
C ALA B 58 -10.24 25.63 -12.18
N LEU B 59 -11.01 26.47 -11.47
CA LEU B 59 -11.35 27.78 -11.99
C LEU B 59 -10.12 28.69 -12.04
N ASP B 60 -9.34 28.73 -10.96
CA ASP B 60 -8.24 29.68 -10.91
C ASP B 60 -7.15 29.33 -11.92
N LEU B 61 -7.00 28.05 -12.26
CA LEU B 61 -6.02 27.61 -13.23
C LEU B 61 -6.54 27.62 -14.66
N GLY B 62 -7.82 27.89 -14.87
CA GLY B 62 -8.38 27.89 -16.21
C GLY B 62 -8.82 26.54 -16.72
N VAL B 63 -8.78 25.50 -15.89
CA VAL B 63 -9.34 24.21 -16.29
C VAL B 63 -10.83 24.37 -16.58
N VAL B 64 -11.51 25.19 -15.79
CA VAL B 64 -12.90 25.58 -16.02
C VAL B 64 -12.91 27.06 -16.35
N LYS B 65 -13.46 27.42 -17.50
CA LYS B 65 -13.47 28.80 -17.95
C LYS B 65 -14.49 29.62 -17.16
N ASP B 66 -15.70 29.08 -17.01
CA ASP B 66 -16.75 29.77 -16.26
C ASP B 66 -17.80 28.75 -15.90
N GLU B 67 -18.87 29.22 -15.25
CA GLU B 67 -19.89 28.33 -14.74
C GLU B 67 -20.84 27.82 -15.82
N HIS B 68 -20.65 28.25 -17.08
CA HIS B 68 -21.48 27.79 -18.19
C HIS B 68 -20.80 26.75 -19.06
N GLN B 69 -19.48 26.61 -18.95
CA GLN B 69 -18.78 25.65 -19.80
C GLN B 69 -19.35 24.26 -19.59
N VAL B 70 -19.62 23.57 -20.70
CA VAL B 70 -20.24 22.26 -20.68
C VAL B 70 -19.15 21.20 -20.70
N PHE B 71 -19.25 20.25 -19.76
CA PHE B 71 -18.37 19.09 -19.69
C PHE B 71 -19.17 17.88 -20.18
N LYS B 72 -18.81 17.39 -21.36
CA LYS B 72 -19.59 16.36 -22.06
C LYS B 72 -19.58 15.03 -21.32
N TRP B 73 -20.72 14.36 -21.30
CA TRP B 73 -20.77 12.99 -20.83
C TRP B 73 -19.85 12.10 -21.65
N ASP B 74 -19.07 11.27 -20.97
CA ASP B 74 -18.13 10.41 -21.69
C ASP B 74 -18.77 9.14 -22.24
N GLY B 75 -20.08 8.98 -22.13
CA GLY B 75 -20.72 7.79 -22.67
C GLY B 75 -20.66 6.56 -21.81
N GLN B 76 -20.11 6.66 -20.61
CA GLN B 76 -20.04 5.54 -19.68
C GLN B 76 -21.28 5.55 -18.80
N THR B 77 -22.11 4.53 -18.93
CA THR B 77 -23.31 4.48 -18.10
C THR B 77 -22.91 4.07 -16.68
N ARG B 78 -23.15 4.95 -15.73
CA ARG B 78 -22.83 4.71 -14.33
C ARG B 78 -24.13 4.55 -13.54
N ASP B 79 -23.99 4.12 -12.29
CA ASP B 79 -25.15 3.71 -11.50
C ASP B 79 -25.98 4.89 -11.02
N ILE B 80 -25.48 6.11 -11.13
CA ILE B 80 -26.23 7.31 -10.78
C ILE B 80 -26.70 7.95 -12.08
N ALA B 81 -28.02 7.91 -12.31
CA ALA B 81 -28.57 8.33 -13.59
C ALA B 81 -28.20 9.78 -13.90
N THR B 82 -28.25 10.67 -12.91
CA THR B 82 -28.00 12.08 -13.18
C THR B 82 -26.56 12.34 -13.63
N TRP B 83 -25.65 11.38 -13.44
CA TRP B 83 -24.29 11.52 -13.95
C TRP B 83 -24.19 11.25 -15.44
N ASN B 84 -25.18 10.58 -16.04
CA ASN B 84 -25.11 10.17 -17.44
C ASN B 84 -25.69 11.24 -18.37
N ARG B 85 -25.09 12.42 -18.29
N ARG B 85 -25.13 12.44 -18.26
CA ARG B 85 -25.56 13.54 -19.10
CA ARG B 85 -25.63 13.60 -18.99
C ARG B 85 -24.49 14.63 -19.06
C ARG B 85 -24.52 14.65 -19.01
N ASP B 86 -24.69 15.64 -19.89
CA ASP B 86 -23.80 16.79 -19.91
C ASP B 86 -24.02 17.63 -18.66
N HIS B 87 -22.95 18.31 -18.21
CA HIS B 87 -23.03 19.15 -17.03
C HIS B 87 -22.20 20.41 -17.22
N ASN B 88 -22.55 21.43 -16.44
CA ASN B 88 -21.68 22.57 -16.20
C ASN B 88 -21.29 22.55 -14.73
N LEU B 89 -20.57 23.58 -14.29
CA LEU B 89 -20.09 23.61 -12.91
C LEU B 89 -21.24 23.60 -11.92
N ILE B 90 -22.33 24.32 -12.24
CA ILE B 90 -23.46 24.40 -11.32
C ILE B 90 -24.11 23.04 -11.13
N THR B 91 -24.44 22.37 -12.25
CA THR B 91 -25.14 21.09 -12.15
C THR B 91 -24.21 19.97 -11.69
N ALA B 92 -22.92 20.06 -11.99
CA ALA B 92 -21.97 19.06 -11.51
C ALA B 92 -21.85 19.10 -9.99
N MET B 93 -21.85 20.29 -9.39
N MET B 93 -21.80 20.31 -9.41
CA MET B 93 -21.86 20.37 -7.93
CA MET B 93 -21.89 20.45 -7.96
C MET B 93 -23.22 19.96 -7.38
C MET B 93 -23.21 19.91 -7.43
N LYS B 94 -24.31 20.35 -8.04
CA LYS B 94 -25.65 20.02 -7.56
C LYS B 94 -25.86 18.52 -7.47
N TYR B 95 -25.42 17.78 -8.49
CA TYR B 95 -25.59 16.33 -8.52
C TYR B 95 -24.32 15.59 -8.10
N SER B 96 -23.33 16.31 -7.57
CA SER B 96 -22.08 15.71 -7.06
C SER B 96 -21.50 14.70 -8.05
N VAL B 97 -21.20 15.20 -9.26
CA VAL B 97 -20.88 14.33 -10.40
C VAL B 97 -19.39 14.02 -10.32
N VAL B 98 -19.07 12.91 -9.65
CA VAL B 98 -17.68 12.52 -9.45
C VAL B 98 -16.88 12.51 -10.75
N PRO B 99 -17.35 11.90 -11.85
CA PRO B 99 -16.47 11.77 -13.01
C PRO B 99 -16.03 13.09 -13.61
N VAL B 100 -16.86 14.13 -13.50
CA VAL B 100 -16.47 15.45 -13.98
C VAL B 100 -15.31 16.00 -13.17
N TYR B 101 -15.38 15.88 -11.84
CA TYR B 101 -14.33 16.40 -11.00
C TYR B 101 -13.06 15.56 -11.07
N GLN B 102 -13.19 14.27 -11.41
CA GLN B 102 -12.00 13.47 -11.63
C GLN B 102 -11.23 13.99 -12.84
N GLU B 103 -11.94 14.35 -13.91
CA GLU B 103 -11.30 14.95 -15.07
C GLU B 103 -10.64 16.27 -14.71
N PHE B 104 -11.32 17.11 -13.90
CA PHE B 104 -10.68 18.31 -13.38
C PHE B 104 -9.35 17.97 -12.72
N ALA B 105 -9.37 16.99 -11.81
CA ALA B 105 -8.18 16.70 -11.00
C ALA B 105 -7.03 16.25 -11.89
N ARG B 106 -7.32 15.42 -12.88
CA ARG B 106 -6.26 14.98 -13.79
C ARG B 106 -5.66 16.15 -14.55
N GLN B 107 -6.48 17.13 -14.94
CA GLN B 107 -5.94 18.29 -15.64
C GLN B 107 -5.18 19.21 -14.69
N ILE B 108 -5.63 19.33 -13.44
CA ILE B 108 -4.88 20.10 -12.44
C ILE B 108 -3.51 19.48 -12.22
N GLY B 109 -3.46 18.18 -11.98
CA GLY B 109 -2.21 17.49 -11.75
C GLY B 109 -1.79 17.50 -10.29
N GLU B 110 -0.95 16.51 -9.95
CA GLU B 110 -0.54 16.30 -8.57
C GLU B 110 0.17 17.51 -7.99
N ALA B 111 1.11 18.07 -8.76
CA ALA B 111 1.96 19.14 -8.23
C ALA B 111 1.15 20.37 -7.84
N ARG B 112 0.30 20.84 -8.76
CA ARG B 112 -0.49 22.03 -8.48
C ARG B 112 -1.56 21.74 -7.44
N MET B 113 -2.16 20.55 -7.47
CA MET B 113 -3.15 20.20 -6.47
C MET B 113 -2.54 20.27 -5.07
N SER B 114 -1.36 19.67 -4.89
CA SER B 114 -0.70 19.70 -3.59
C SER B 114 -0.34 21.12 -3.19
N LYS B 115 0.17 21.90 -4.12
CA LYS B 115 0.56 23.28 -3.82
C LYS B 115 -0.63 24.07 -3.31
N MET B 116 -1.80 23.89 -3.94
CA MET B 116 -2.95 24.71 -3.61
C MET B 116 -3.58 24.30 -2.29
N LEU B 117 -3.55 23.02 -1.96
CA LEU B 117 -4.10 22.60 -0.68
C LEU B 117 -3.24 23.09 0.48
N HIS B 118 -1.93 23.21 0.28
N HIS B 118 -1.93 23.18 0.28
CA HIS B 118 -1.11 23.84 1.31
CA HIS B 118 -1.07 23.83 1.27
C HIS B 118 -1.43 25.33 1.43
C HIS B 118 -1.43 25.31 1.42
N ALA B 119 -1.63 26.00 0.29
CA ALA B 119 -2.02 27.40 0.32
C ALA B 119 -3.37 27.60 1.01
N PHE B 120 -4.29 26.65 0.87
CA PHE B 120 -5.59 26.71 1.53
C PHE B 120 -5.55 26.29 2.99
N ASP B 121 -4.45 25.69 3.46
CA ASP B 121 -4.38 25.17 4.82
C ASP B 121 -5.46 24.12 5.06
N TYR B 122 -5.71 23.29 4.05
CA TYR B 122 -6.88 22.42 3.98
C TYR B 122 -6.58 21.06 4.62
N GLY B 123 -7.20 20.80 5.77
CA GLY B 123 -7.08 19.51 6.43
C GLY B 123 -5.63 19.14 6.68
N ASN B 124 -5.30 17.87 6.46
CA ASN B 124 -3.92 17.42 6.62
C ASN B 124 -3.08 17.66 5.38
N GLU B 125 -3.65 18.28 4.35
CA GLU B 125 -2.91 18.71 3.16
C GLU B 125 -2.18 17.55 2.47
N ASP B 126 -2.72 16.34 2.58
CA ASP B 126 -2.06 15.12 2.08
C ASP B 126 -2.90 14.53 0.96
N ILE B 127 -2.37 14.54 -0.26
CA ILE B 127 -3.08 14.07 -1.45
C ILE B 127 -2.63 12.68 -1.88
N SER B 128 -2.00 11.92 -0.99
CA SER B 128 -1.51 10.59 -1.35
C SER B 128 -2.64 9.74 -1.92
N GLY B 129 -2.30 8.98 -2.97
CA GLY B 129 -3.27 8.18 -3.69
C GLY B 129 -3.37 8.60 -5.14
N ASN B 130 -4.44 8.21 -5.84
CA ASN B 130 -4.63 8.65 -7.21
C ASN B 130 -5.00 10.12 -7.25
N VAL B 131 -4.43 10.85 -8.20
CA VAL B 131 -4.69 12.28 -8.30
C VAL B 131 -6.18 12.52 -8.53
N ASP B 132 -6.88 11.55 -9.14
CA ASP B 132 -8.30 11.69 -9.42
C ASP B 132 -9.19 10.89 -8.46
N SER B 133 -8.65 10.46 -7.30
CA SER B 133 -9.54 9.85 -6.33
C SER B 133 -9.09 10.00 -4.88
N PHE B 134 -8.06 10.80 -4.58
CA PHE B 134 -7.53 10.80 -3.22
C PHE B 134 -8.54 11.31 -2.21
N TRP B 135 -9.49 12.16 -2.62
CA TRP B 135 -10.51 12.65 -1.70
C TRP B 135 -11.60 11.62 -1.42
N LEU B 136 -11.62 10.50 -2.16
CA LEU B 136 -12.58 9.42 -1.93
C LEU B 136 -11.96 8.18 -1.29
N ASP B 137 -10.70 7.88 -1.60
CA ASP B 137 -10.08 6.68 -1.03
C ASP B 137 -8.57 6.85 -0.84
N GLY B 138 -8.07 8.08 -0.74
CA GLY B 138 -6.66 8.31 -0.50
C GLY B 138 -6.38 8.79 0.92
N GLY B 139 -5.33 9.59 1.07
CA GLY B 139 -4.81 9.96 2.38
C GLY B 139 -5.28 11.29 2.94
N ILE B 140 -6.09 12.04 2.22
CA ILE B 140 -6.48 13.36 2.70
C ILE B 140 -7.53 13.22 3.79
N ARG B 141 -7.43 14.06 4.82
CA ARG B 141 -8.33 14.01 5.96
C ARG B 141 -8.59 15.42 6.43
N ILE B 142 -9.83 15.69 6.83
CA ILE B 142 -10.23 17.00 7.34
C ILE B 142 -11.32 16.80 8.38
N SER B 143 -11.30 17.61 9.43
CA SER B 143 -12.30 17.56 10.49
C SER B 143 -13.40 18.58 10.21
N ALA B 144 -14.50 18.45 10.96
CA ALA B 144 -15.59 19.40 10.79
C ALA B 144 -15.15 20.83 11.13
N THR B 145 -14.34 21.00 12.17
CA THR B 145 -13.89 22.33 12.52
C THR B 145 -12.90 22.88 11.50
N GLU B 146 -12.12 22.00 10.85
CA GLU B 146 -11.24 22.45 9.77
C GLU B 146 -12.04 22.82 8.53
N GLN B 147 -13.18 22.17 8.30
CA GLN B 147 -14.07 22.58 7.21
C GLN B 147 -14.58 23.99 7.44
N ILE B 148 -15.01 24.30 8.67
CA ILE B 148 -15.49 25.65 8.97
C ILE B 148 -14.39 26.68 8.74
N SER B 149 -13.18 26.40 9.24
CA SER B 149 -12.07 27.33 9.04
C SER B 149 -11.83 27.62 7.57
N PHE B 150 -11.87 26.58 6.73
CA PHE B 150 -11.72 26.77 5.29
C PHE B 150 -12.89 27.56 4.72
N LEU B 151 -14.13 27.23 5.11
CA LEU B 151 -15.29 27.91 4.58
C LEU B 151 -15.31 29.39 4.98
N ARG B 152 -14.86 29.72 6.19
CA ARG B 152 -14.83 31.11 6.60
C ARG B 152 -13.91 31.92 5.69
N LYS B 153 -12.79 31.33 5.30
CA LYS B 153 -11.89 32.01 4.36
C LYS B 153 -12.56 32.23 3.02
N LEU B 154 -13.24 31.20 2.51
CA LEU B 154 -13.96 31.33 1.25
C LEU B 154 -15.02 32.42 1.34
N TYR B 155 -15.79 32.42 2.42
CA TYR B 155 -16.84 33.41 2.58
C TYR B 155 -16.29 34.83 2.46
N HIS B 156 -15.13 35.08 3.06
CA HIS B 156 -14.52 36.40 3.11
C HIS B 156 -13.61 36.70 1.93
N ASN B 157 -13.58 35.82 0.91
CA ASN B 157 -12.70 35.97 -0.26
C ASN B 157 -11.22 35.98 0.13
N LYS B 158 -10.87 35.26 1.19
CA LYS B 158 -9.52 35.28 1.73
C LYS B 158 -8.66 34.09 1.31
N LEU B 159 -9.21 33.16 0.54
CA LEU B 159 -8.38 32.09 0.00
C LEU B 159 -7.44 32.62 -1.08
N HIS B 160 -6.32 31.93 -1.26
CA HIS B 160 -5.28 32.38 -2.19
C HIS B 160 -5.59 31.93 -3.62
N VAL B 161 -6.77 32.35 -4.07
CA VAL B 161 -7.18 32.32 -5.47
C VAL B 161 -7.92 33.64 -5.70
N SER B 162 -8.24 33.90 -6.96
CA SER B 162 -8.84 35.19 -7.30
C SER B 162 -10.22 35.33 -6.67
N GLU B 163 -10.64 36.60 -6.51
CA GLU B 163 -11.99 36.88 -6.03
C GLU B 163 -13.04 36.26 -6.95
N ARG B 164 -12.81 36.33 -8.26
CA ARG B 164 -13.76 35.75 -9.21
C ARG B 164 -13.96 34.27 -8.97
N SER B 165 -12.86 33.52 -8.79
CA SER B 165 -12.99 32.08 -8.56
C SER B 165 -13.82 31.79 -7.33
N GLN B 166 -13.61 32.56 -6.26
CA GLN B 166 -14.35 32.34 -5.03
C GLN B 166 -15.82 32.70 -5.18
N ARG B 167 -16.11 33.79 -5.91
CA ARG B 167 -17.51 34.16 -6.13
C ARG B 167 -18.25 33.11 -6.93
N ILE B 168 -17.60 32.54 -7.95
CA ILE B 168 -18.25 31.53 -8.78
C ILE B 168 -18.53 30.27 -7.99
N VAL B 169 -17.57 29.84 -7.15
CA VAL B 169 -17.78 28.64 -6.36
C VAL B 169 -18.90 28.87 -5.35
N LYS B 170 -18.97 30.06 -4.76
CA LYS B 170 -20.06 30.34 -3.82
C LYS B 170 -21.41 30.36 -4.52
N GLN B 171 -21.46 30.83 -5.77
CA GLN B 171 -22.67 30.68 -6.56
C GLN B 171 -23.02 29.20 -6.73
N ALA B 172 -22.02 28.37 -7.07
CA ALA B 172 -22.27 26.95 -7.31
C ALA B 172 -22.68 26.21 -6.03
N MET B 173 -22.31 26.73 -4.86
CA MET B 173 -22.71 26.12 -3.60
C MET B 173 -24.16 26.43 -3.22
N LEU B 174 -24.81 27.35 -3.92
CA LEU B 174 -26.17 27.74 -3.55
C LEU B 174 -27.07 26.51 -3.47
N THR B 175 -27.71 26.33 -2.33
CA THR B 175 -28.54 25.15 -2.08
C THR B 175 -29.98 25.49 -1.81
N GLU B 176 -30.24 26.52 -1.02
CA GLU B 176 -31.60 26.90 -0.65
C GLU B 176 -31.64 28.39 -0.35
N ALA B 177 -32.73 29.04 -0.74
CA ALA B 177 -32.91 30.45 -0.42
C ALA B 177 -34.40 30.76 -0.36
N ASN B 178 -34.77 31.53 0.64
CA ASN B 178 -36.14 32.01 0.83
C ASN B 178 -36.06 33.34 1.56
N GLY B 179 -37.21 33.85 2.00
CA GLY B 179 -37.23 35.14 2.67
C GLY B 179 -36.53 35.17 4.01
N ASP B 180 -36.20 34.01 4.57
CA ASP B 180 -35.62 33.93 5.91
C ASP B 180 -34.12 33.64 5.93
N TYR B 181 -33.59 32.93 4.94
CA TYR B 181 -32.18 32.56 4.98
C TYR B 181 -31.73 32.08 3.61
N ILE B 182 -30.41 32.03 3.45
CA ILE B 182 -29.76 31.45 2.28
C ILE B 182 -28.77 30.40 2.80
N ILE B 183 -28.77 29.22 2.20
CA ILE B 183 -27.79 28.17 2.52
C ILE B 183 -26.91 27.95 1.31
N ARG B 184 -25.60 28.07 1.50
CA ARG B 184 -24.59 27.67 0.53
C ARG B 184 -23.81 26.52 1.16
N ALA B 185 -23.78 25.38 0.48
CA ALA B 185 -23.34 24.16 1.14
C ALA B 185 -22.96 23.10 0.10
N LYS B 186 -22.36 22.03 0.59
CA LYS B 186 -22.03 20.88 -0.24
C LYS B 186 -22.15 19.61 0.58
N THR B 187 -22.81 18.60 0.01
CA THR B 187 -22.89 17.29 0.64
C THR B 187 -21.65 16.45 0.33
N GLY B 188 -21.44 15.45 1.17
CA GLY B 188 -20.41 14.45 0.90
C GLY B 188 -20.85 13.08 1.39
N TYR B 189 -20.34 12.05 0.74
CA TYR B 189 -20.68 10.67 1.09
C TYR B 189 -19.42 9.83 0.88
N SER B 190 -18.82 9.40 1.99
CA SER B 190 -17.56 8.65 1.94
C SER B 190 -17.89 7.19 2.18
N THR B 191 -17.70 6.37 1.15
CA THR B 191 -18.08 4.97 1.18
C THR B 191 -16.95 4.00 0.90
N ARG B 192 -15.81 4.47 0.41
CA ARG B 192 -14.79 3.56 -0.09
C ARG B 192 -13.87 3.05 1.02
N ILE B 193 -13.76 3.78 2.12
CA ILE B 193 -12.94 3.39 3.27
C ILE B 193 -13.76 3.58 4.53
N GLU B 194 -13.62 2.65 5.46
CA GLU B 194 -14.36 2.74 6.70
C GLU B 194 -13.72 3.80 7.59
N PRO B 195 -14.51 4.49 8.44
CA PRO B 195 -15.96 4.32 8.57
C PRO B 195 -16.72 5.07 7.48
N LYS B 196 -17.76 4.48 6.94
CA LYS B 196 -18.58 5.20 5.97
C LYS B 196 -19.32 6.32 6.68
N ILE B 197 -19.23 7.54 6.15
CA ILE B 197 -19.82 8.72 6.78
C ILE B 197 -20.48 9.59 5.72
N GLY B 198 -21.42 10.39 6.18
CA GLY B 198 -22.01 11.44 5.36
C GLY B 198 -21.60 12.79 5.91
N TRP B 199 -21.45 13.76 5.01
CA TRP B 199 -21.07 15.14 5.32
C TRP B 199 -22.15 16.11 4.87
N TRP B 200 -22.25 17.24 5.57
CA TRP B 200 -22.86 18.45 5.01
C TRP B 200 -22.13 19.64 5.63
N VAL B 201 -21.54 20.49 4.79
CA VAL B 201 -20.77 21.64 5.26
C VAL B 201 -21.14 22.86 4.46
N GLY B 202 -21.15 24.02 5.11
CA GLY B 202 -21.52 25.25 4.43
C GLY B 202 -21.81 26.35 5.43
N TRP B 203 -22.76 27.22 5.06
CA TRP B 203 -23.18 28.26 5.99
C TRP B 203 -24.60 28.71 5.69
N VAL B 204 -25.17 29.38 6.68
CA VAL B 204 -26.50 29.95 6.63
C VAL B 204 -26.33 31.46 6.70
N GLU B 205 -26.77 32.18 5.67
CA GLU B 205 -26.71 33.64 5.65
C GLU B 205 -28.01 34.20 6.19
N LEU B 206 -27.90 35.05 7.19
CA LEU B 206 -29.04 35.79 7.72
C LEU B 206 -28.86 37.27 7.40
N ASP B 207 -29.91 38.05 7.67
CA ASP B 207 -29.85 39.48 7.40
C ASP B 207 -28.61 40.11 8.03
N ASP B 208 -28.29 39.73 9.29
CA ASP B 208 -27.27 40.44 10.07
C ASP B 208 -26.24 39.49 10.68
N ASN B 209 -26.13 38.27 10.20
CA ASN B 209 -25.12 37.34 10.71
C ASN B 209 -25.00 36.21 9.72
N VAL B 210 -23.95 35.40 9.89
N VAL B 210 -23.94 35.42 9.89
CA VAL B 210 -23.77 34.19 9.11
CA VAL B 210 -23.72 34.20 9.12
C VAL B 210 -23.34 33.07 10.05
C VAL B 210 -23.38 33.09 10.12
N TRP B 211 -24.04 31.94 9.97
CA TRP B 211 -23.73 30.76 10.76
C TRP B 211 -23.08 29.72 9.86
N PHE B 212 -21.81 29.43 10.10
CA PHE B 212 -21.14 28.35 9.41
C PHE B 212 -21.48 27.03 10.08
N PHE B 213 -21.54 25.96 9.30
CA PHE B 213 -21.81 24.66 9.87
C PHE B 213 -21.02 23.57 9.16
N ALA B 214 -20.75 22.51 9.91
CA ALA B 214 -20.15 21.30 9.35
C ALA B 214 -20.64 20.13 10.18
N MET B 215 -21.19 19.12 9.52
CA MET B 215 -21.70 17.95 10.20
C MET B 215 -21.22 16.70 9.48
N ASN B 216 -20.92 15.66 10.24
CA ASN B 216 -20.78 14.34 9.65
C ASN B 216 -21.45 13.32 10.56
N MET B 217 -21.77 12.16 9.98
CA MET B 217 -22.53 11.13 10.66
C MET B 217 -22.21 9.79 10.04
N ASP B 218 -22.32 8.74 10.85
CA ASP B 218 -22.14 7.39 10.32
C ASP B 218 -23.23 7.10 9.30
N MET B 219 -22.84 6.47 8.18
CA MET B 219 -23.74 6.24 7.04
C MET B 219 -23.48 4.83 6.52
N PRO B 220 -23.91 3.80 7.26
CA PRO B 220 -23.66 2.43 6.81
C PRO B 220 -24.28 2.10 5.46
N THR B 221 -25.37 2.76 5.08
CA THR B 221 -25.98 2.59 3.76
C THR B 221 -26.49 3.94 3.27
N SER B 222 -26.79 4.00 1.97
CA SER B 222 -27.25 5.25 1.37
C SER B 222 -28.65 5.64 1.81
N ASP B 223 -29.37 4.78 2.53
CA ASP B 223 -30.73 5.09 2.94
C ASP B 223 -30.80 6.27 3.93
N GLY B 224 -29.74 6.55 4.66
CA GLY B 224 -29.75 7.61 5.65
C GLY B 224 -29.26 8.95 5.13
N LEU B 225 -29.02 9.08 3.82
CA LEU B 225 -28.36 10.28 3.31
C LEU B 225 -29.16 11.53 3.61
N GLY B 226 -30.49 11.43 3.57
CA GLY B 226 -31.33 12.59 3.83
C GLY B 226 -31.23 13.10 5.25
N LEU B 227 -30.74 12.28 6.17
CA LEU B 227 -30.58 12.72 7.54
C LEU B 227 -29.48 13.77 7.70
N ARG B 228 -28.53 13.84 6.76
CA ARG B 228 -27.51 14.88 6.84
C ARG B 228 -28.13 16.26 6.91
N GLN B 229 -29.06 16.58 6.00
CA GLN B 229 -29.71 17.88 6.04
C GLN B 229 -30.77 17.93 7.14
N ALA B 230 -31.50 16.83 7.33
CA ALA B 230 -32.61 16.85 8.28
C ALA B 230 -32.12 17.07 9.70
N ILE B 231 -31.06 16.36 10.10
CA ILE B 231 -30.53 16.51 11.46
C ILE B 231 -29.95 17.91 11.64
N THR B 232 -29.20 18.40 10.65
CA THR B 232 -28.66 19.75 10.72
C THR B 232 -29.75 20.79 10.91
N LYS B 233 -30.82 20.70 10.11
CA LYS B 233 -31.88 21.70 10.21
C LYS B 233 -32.60 21.62 11.56
N GLU B 234 -32.67 20.43 12.16
CA GLU B 234 -33.26 20.31 13.48
C GLU B 234 -32.44 21.06 14.51
N VAL B 235 -31.11 20.98 14.42
CA VAL B 235 -30.25 21.76 15.30
C VAL B 235 -30.43 23.25 15.04
N LEU B 236 -30.40 23.66 13.77
CA LEU B 236 -30.59 25.06 13.42
C LEU B 236 -31.93 25.58 13.95
N LYS B 237 -32.98 24.76 13.82
CA LYS B 237 -34.30 25.17 14.31
C LYS B 237 -34.32 25.25 15.83
N GLN B 238 -33.68 24.30 16.52
CA GLN B 238 -33.63 24.33 17.98
C GLN B 238 -32.92 25.60 18.46
N GLU B 239 -31.87 25.99 17.76
CA GLU B 239 -31.11 27.19 18.12
C GLU B 239 -31.71 28.46 17.55
N LYS B 240 -32.92 28.37 16.97
CA LYS B 240 -33.65 29.53 16.46
C LYS B 240 -32.85 30.27 15.39
N ILE B 241 -32.00 29.56 14.65
CA ILE B 241 -31.29 30.17 13.53
C ILE B 241 -32.18 30.24 12.30
N ILE B 242 -32.99 29.21 12.08
CA ILE B 242 -34.00 29.23 11.03
C ILE B 242 -35.34 28.92 11.68
N PRO B 243 -36.45 29.35 11.07
CA PRO B 243 -37.78 29.03 11.62
C PRO B 243 -38.10 27.54 11.44
N LYS C 1 -9.72 36.41 25.63
CA LYS C 1 -9.99 35.19 24.86
C LYS C 1 -9.35 33.99 25.53
N GLU C 2 -9.93 32.81 25.32
CA GLU C 2 -9.40 31.61 25.95
C GLU C 2 -8.19 31.06 25.21
N TRP C 3 -8.19 31.15 23.88
CA TRP C 3 -7.06 30.72 23.07
C TRP C 3 -6.63 31.86 22.15
N GLN C 4 -5.33 32.11 22.12
CA GLN C 4 -4.76 33.16 21.27
C GLN C 4 -3.67 32.56 20.41
N GLU C 5 -3.69 32.91 19.13
CA GLU C 5 -2.69 32.44 18.18
C GLU C 5 -1.57 33.45 18.08
N ASN C 6 -0.33 32.97 18.18
CA ASN C 6 0.87 33.81 18.07
C ASN C 6 1.74 33.19 16.99
N LYS C 7 1.55 33.64 15.74
CA LYS C 7 2.31 33.06 14.65
C LYS C 7 3.78 33.48 14.68
N SER C 8 4.15 34.43 15.54
CA SER C 8 5.55 34.81 15.67
C SER C 8 6.42 33.63 16.09
N TRP C 9 5.86 32.66 16.81
CA TRP C 9 6.64 31.49 17.21
C TRP C 9 7.04 30.64 16.01
N ASN C 10 6.37 30.80 14.87
CA ASN C 10 6.74 29.99 13.70
C ASN C 10 8.20 30.15 13.34
N ALA C 11 8.79 31.31 13.67
CA ALA C 11 10.20 31.54 13.36
C ALA C 11 11.09 30.49 14.02
N HIS C 12 10.75 30.05 15.24
CA HIS C 12 11.59 29.06 15.91
C HIS C 12 11.58 27.73 15.18
N PHE C 13 10.51 27.44 14.42
CA PHE C 13 10.47 26.22 13.63
C PHE C 13 11.17 26.40 12.28
N THR C 14 10.86 27.48 11.55
CA THR C 14 11.43 27.64 10.22
C THR C 14 12.94 27.89 10.28
N GLU C 15 13.41 28.58 11.31
CA GLU C 15 14.85 28.76 11.48
C GLU C 15 15.57 27.43 11.58
N HIS C 16 14.94 26.41 12.16
CA HIS C 16 15.52 25.07 12.22
C HIS C 16 14.99 24.18 11.11
N LYS C 17 14.37 24.78 10.10
CA LYS C 17 13.87 24.08 8.93
C LYS C 17 12.96 22.91 9.29
N SER C 18 11.95 23.17 10.11
N SER C 18 11.94 23.20 10.11
CA SER C 18 10.91 22.18 10.34
CA SER C 18 10.96 22.23 10.55
C SER C 18 9.57 22.87 10.51
C SER C 18 9.58 22.88 10.57
N GLN C 19 8.57 22.08 10.86
CA GLN C 19 7.20 22.53 11.02
C GLN C 19 6.65 21.87 12.28
N GLY C 20 5.83 22.60 13.02
CA GLY C 20 5.24 22.02 14.21
C GLY C 20 4.36 23.02 14.94
N VAL C 21 3.96 22.63 16.14
CA VAL C 21 3.08 23.45 16.97
C VAL C 21 3.56 23.40 18.40
N VAL C 22 3.51 24.55 19.07
CA VAL C 22 3.66 24.62 20.51
C VAL C 22 2.36 25.19 21.07
N VAL C 23 1.89 24.59 22.14
CA VAL C 23 0.71 25.03 22.86
C VAL C 23 1.13 25.29 24.30
N LEU C 24 0.77 26.45 24.82
CA LEU C 24 1.05 26.81 26.21
C LEU C 24 -0.25 27.10 26.94
N TRP C 25 -0.28 26.80 28.24
CA TRP C 25 -1.44 27.12 29.07
C TRP C 25 -0.96 27.73 30.39
N ASN C 26 -1.37 28.98 30.62
CA ASN C 26 -1.09 29.71 31.86
C ASN C 26 -2.17 29.37 32.87
N GLU C 27 -1.80 28.62 33.90
CA GLU C 27 -2.80 28.10 34.83
C GLU C 27 -3.44 29.21 35.66
N ASN C 28 -2.64 30.17 36.13
CA ASN C 28 -3.20 31.26 36.94
C ASN C 28 -4.23 32.05 36.16
N LYS C 29 -3.91 32.41 34.91
CA LYS C 29 -4.79 33.23 34.09
C LYS C 29 -5.82 32.42 33.32
N GLN C 30 -5.67 31.09 33.29
CA GLN C 30 -6.56 30.22 32.53
C GLN C 30 -6.65 30.67 31.08
N GLN C 31 -5.48 30.87 30.48
CA GLN C 31 -5.37 31.34 29.10
C GLN C 31 -4.35 30.49 28.36
N GLY C 32 -4.67 30.16 27.11
CA GLY C 32 -3.81 29.36 26.26
C GLY C 32 -3.26 30.12 25.06
N PHE C 33 -2.14 29.65 24.53
CA PHE C 33 -1.42 30.29 23.43
C PHE C 33 -0.85 29.22 22.52
N THR C 34 -0.89 29.45 21.21
CA THR C 34 -0.28 28.53 20.25
C THR C 34 0.09 29.28 18.99
N ASN C 35 1.05 28.74 18.23
CA ASN C 35 1.41 29.30 16.95
C ASN C 35 0.53 28.81 15.81
N ASN C 36 -0.28 27.76 16.03
CA ASN C 36 -1.02 27.14 14.94
C ASN C 36 -2.26 26.46 15.55
N LEU C 37 -3.39 27.17 15.51
CA LEU C 37 -4.61 26.64 16.12
C LEU C 37 -5.04 25.33 15.47
N LYS C 38 -4.86 25.21 14.15
CA LYS C 38 -5.32 24.00 13.49
C LYS C 38 -4.47 22.80 13.88
N ARG C 39 -3.15 22.92 13.80
CA ARG C 39 -2.30 21.80 14.19
C ARG C 39 -2.41 21.50 15.68
N ALA C 40 -2.65 22.51 16.51
CA ALA C 40 -2.84 22.27 17.94
C ALA C 40 -3.98 21.29 18.21
N ASN C 41 -4.94 21.21 17.29
CA ASN C 41 -6.09 20.33 17.46
C ASN C 41 -6.06 19.12 16.53
N GLN C 42 -4.97 18.89 15.81
CA GLN C 42 -4.83 17.70 15.00
C GLN C 42 -4.33 16.54 15.86
N ALA C 43 -4.86 15.35 15.60
CA ALA C 43 -4.61 14.19 16.44
C ALA C 43 -3.52 13.32 15.83
N PHE C 44 -2.55 12.94 16.65
CA PHE C 44 -1.41 12.13 16.24
C PHE C 44 -1.29 10.92 17.17
N LEU C 45 -0.54 9.92 16.72
CA LEU C 45 -0.14 8.87 17.65
C LEU C 45 0.59 9.49 18.84
N PRO C 46 0.28 9.06 20.07
CA PRO C 46 1.02 9.62 21.21
C PRO C 46 2.42 9.07 21.32
N ALA C 47 2.68 7.87 20.80
CA ALA C 47 3.96 7.21 20.98
C ALA C 47 4.36 7.26 22.44
N SER C 48 5.62 7.55 22.76
CA SER C 48 6.07 7.42 24.14
C SER C 48 5.48 8.43 25.10
N THR C 49 4.74 9.46 24.65
CA THR C 49 4.01 10.23 25.64
C THR C 49 2.94 9.37 26.32
N PHE C 50 2.58 8.23 25.72
CA PHE C 50 1.63 7.31 26.32
C PHE C 50 2.18 6.67 27.59
N KCX C 51 3.50 6.79 27.81
CA KCX C 51 4.06 6.22 29.02
CB KCX C 51 5.60 6.28 28.98
CG KCX C 51 6.16 5.26 27.97
CD KCX C 51 7.69 5.18 27.94
CE KCX C 51 8.16 4.03 27.01
NZ KCX C 51 7.88 4.35 25.59
C KCX C 51 3.51 6.91 30.26
O KCX C 51 3.54 6.35 31.35
CX KCX C 51 6.89 3.78 24.90
OQ1 KCX C 51 6.15 2.92 25.42
OQ2 KCX C 51 6.70 4.11 23.70
N ILE C 52 2.92 8.11 30.11
CA ILE C 52 2.32 8.75 31.27
C ILE C 52 1.05 8.02 31.71
N PRO C 53 0.02 7.91 30.85
CA PRO C 53 -1.17 7.14 31.27
C PRO C 53 -0.87 5.68 31.54
N ASN C 54 0.03 5.08 30.76
CA ASN C 54 0.37 3.68 30.98
C ASN C 54 0.97 3.48 32.37
N SER C 55 1.86 4.39 32.79
CA SER C 55 2.42 4.32 34.15
C SER C 55 1.32 4.45 35.21
N LEU C 56 0.42 5.39 35.04
CA LEU C 56 -0.64 5.59 36.03
C LEU C 56 -1.48 4.34 36.20
N ILE C 57 -1.86 3.72 35.08
CA ILE C 57 -2.72 2.53 35.12
C ILE C 57 -1.98 1.37 35.75
N ALA C 58 -0.72 1.16 35.36
CA ALA C 58 0.06 0.06 35.90
C ALA C 58 0.20 0.17 37.40
N LEU C 59 0.45 1.39 37.90
CA LEU C 59 0.57 1.59 39.34
C LEU C 59 -0.75 1.38 40.04
N ASP C 60 -1.83 1.94 39.50
CA ASP C 60 -3.10 1.87 40.22
C ASP C 60 -3.62 0.45 40.29
N LEU C 61 -3.30 -0.38 39.30
CA LEU C 61 -3.74 -1.77 39.30
C LEU C 61 -2.77 -2.70 40.01
N GLY C 62 -1.62 -2.21 40.45
CA GLY C 62 -0.67 -3.07 41.12
C GLY C 62 0.23 -3.85 40.20
N VAL C 63 0.16 -3.60 38.89
CA VAL C 63 1.11 -4.18 37.96
C VAL C 63 2.53 -3.71 38.29
N VAL C 64 2.66 -2.45 38.67
CA VAL C 64 3.90 -1.90 39.17
C VAL C 64 3.70 -1.57 40.64
N LYS C 65 4.54 -2.14 41.50
CA LYS C 65 4.36 -1.96 42.94
C LYS C 65 4.76 -0.55 43.37
N ASP C 66 5.91 -0.07 42.90
CA ASP C 66 6.39 1.27 43.23
C ASP C 66 7.51 1.63 42.25
N GLU C 67 8.10 2.79 42.45
CA GLU C 67 9.08 3.32 41.51
C GLU C 67 10.45 2.67 41.65
N HIS C 68 10.63 1.75 42.61
CA HIS C 68 11.87 1.02 42.81
C HIS C 68 11.84 -0.40 42.25
N GLN C 69 10.65 -0.94 41.95
CA GLN C 69 10.56 -2.30 41.44
C GLN C 69 11.37 -2.42 40.15
N VAL C 70 12.18 -3.47 40.07
CA VAL C 70 13.09 -3.68 38.95
C VAL C 70 12.40 -4.56 37.90
N PHE C 71 12.42 -4.11 36.66
CA PHE C 71 11.94 -4.86 35.52
C PHE C 71 13.18 -5.36 34.78
N LYS C 72 13.42 -6.66 34.89
CA LYS C 72 14.66 -7.23 34.42
C LYS C 72 14.70 -7.22 32.90
N TRP C 73 15.87 -6.92 32.34
CA TRP C 73 16.07 -7.07 30.91
C TRP C 73 15.74 -8.49 30.47
N ASP C 74 15.02 -8.61 29.36
CA ASP C 74 14.64 -9.94 28.88
C ASP C 74 15.76 -10.64 28.11
N GLY C 75 16.95 -10.03 28.05
CA GLY C 75 18.09 -10.66 27.42
C GLY C 75 18.10 -10.55 25.90
N GLN C 76 17.14 -9.84 25.31
CA GLN C 76 17.10 -9.67 23.87
C GLN C 76 17.74 -8.34 23.52
N THR C 77 18.82 -8.41 22.74
CA THR C 77 19.58 -7.21 22.39
C THR C 77 18.83 -6.36 21.37
N ARG C 78 18.56 -5.11 21.74
CA ARG C 78 17.91 -4.14 20.88
C ARG C 78 18.90 -3.01 20.54
N ASP C 79 18.53 -2.18 19.56
CA ASP C 79 19.49 -1.21 19.04
C ASP C 79 19.64 0.04 19.89
N ILE C 80 18.83 0.19 20.95
CA ILE C 80 19.00 1.30 21.89
C ILE C 80 19.75 0.72 23.08
N ALA C 81 21.01 1.12 23.25
CA ALA C 81 21.86 0.49 24.26
C ALA C 81 21.25 0.60 25.65
N THR C 82 20.64 1.74 25.98
CA THR C 82 20.11 1.91 27.33
C THR C 82 18.90 1.02 27.60
N TRP C 83 18.35 0.36 26.58
CA TRP C 83 17.25 -0.57 26.77
C TRP C 83 17.72 -1.97 27.16
N ASN C 84 19.00 -2.28 26.93
CA ASN C 84 19.54 -3.62 27.20
C ASN C 84 20.10 -3.70 28.63
N ARG C 85 19.24 -3.37 29.59
CA ARG C 85 19.61 -3.41 30.99
C ARG C 85 18.34 -3.42 31.81
N ASP C 86 18.49 -3.64 33.12
CA ASP C 86 17.38 -3.60 34.04
C ASP C 86 16.90 -2.16 34.23
N HIS C 87 15.62 -2.00 34.54
CA HIS C 87 15.04 -0.69 34.74
C HIS C 87 14.03 -0.70 35.87
N ASN C 88 13.81 0.47 36.45
CA ASN C 88 12.65 0.74 37.28
C ASN C 88 11.80 1.78 36.58
N LEU C 89 10.74 2.22 37.26
CA LEU C 89 9.81 3.15 36.62
C LEU C 89 10.51 4.46 36.27
N ILE C 90 11.42 4.92 37.12
CA ILE C 90 12.12 6.17 36.88
C ILE C 90 13.00 6.08 35.63
N THR C 91 13.83 5.05 35.54
CA THR C 91 14.75 4.95 34.42
C THR C 91 14.04 4.52 33.14
N ALA C 92 12.97 3.71 33.25
CA ALA C 92 12.21 3.32 32.08
C ALA C 92 11.54 4.53 31.42
N MET C 93 11.10 5.48 32.23
CA MET C 93 10.55 6.73 31.69
C MET C 93 11.65 7.57 31.07
N LYS C 94 12.76 7.73 31.79
CA LYS C 94 13.86 8.56 31.34
C LYS C 94 14.39 8.12 29.98
N TYR C 95 14.54 6.81 29.78
CA TYR C 95 15.09 6.30 28.54
C TYR C 95 14.03 5.78 27.58
N SER C 96 12.76 6.07 27.83
N SER C 96 12.76 6.05 27.86
CA SER C 96 11.65 5.70 26.93
CA SER C 96 11.65 5.70 26.99
C SER C 96 11.74 4.23 26.53
C SER C 96 11.73 4.24 26.54
N VAL C 97 11.83 3.36 27.54
CA VAL C 97 12.12 1.94 27.29
C VAL C 97 10.85 1.20 26.90
N VAL C 98 10.60 1.15 25.59
CA VAL C 98 9.37 0.55 25.06
C VAL C 98 9.13 -0.86 25.58
N PRO C 99 10.10 -1.78 25.58
CA PRO C 99 9.76 -3.17 25.95
C PRO C 99 9.25 -3.32 27.38
N VAL C 100 9.69 -2.46 28.31
CA VAL C 100 9.15 -2.49 29.67
C VAL C 100 7.67 -2.13 29.65
N TYR C 101 7.31 -1.07 28.93
CA TYR C 101 5.92 -0.62 28.91
C TYR C 101 5.04 -1.55 28.09
N GLN C 102 5.60 -2.27 27.12
CA GLN C 102 4.82 -3.30 26.44
C GLN C 102 4.41 -4.41 27.42
N GLU C 103 5.33 -4.83 28.30
CA GLU C 103 4.97 -5.81 29.30
C GLU C 103 3.90 -5.27 30.25
N PHE C 104 4.02 -4.01 30.69
CA PHE C 104 2.95 -3.39 31.48
C PHE C 104 1.61 -3.58 30.79
N ALA C 105 1.55 -3.24 29.50
CA ALA C 105 0.29 -3.25 28.76
C ALA C 105 -0.30 -4.65 28.68
N ARG C 106 0.56 -5.65 28.45
CA ARG C 106 0.07 -7.03 28.42
C ARG C 106 -0.57 -7.42 29.74
N GLN C 107 0.04 -7.00 30.86
CA GLN C 107 -0.49 -7.35 32.17
C GLN C 107 -1.75 -6.56 32.50
N ILE C 108 -1.82 -5.31 32.05
CA ILE C 108 -3.05 -4.53 32.21
C ILE C 108 -4.19 -5.21 31.46
N GLY C 109 -3.96 -5.57 30.21
CA GLY C 109 -4.98 -6.20 29.39
C GLY C 109 -5.86 -5.18 28.68
N GLU C 110 -6.50 -5.65 27.61
CA GLU C 110 -7.30 -4.78 26.75
C GLU C 110 -8.45 -4.13 27.50
N ALA C 111 -9.20 -4.93 28.26
CA ALA C 111 -10.41 -4.43 28.91
C ALA C 111 -10.11 -3.32 29.91
N ARG C 112 -9.14 -3.56 30.80
CA ARG C 112 -8.82 -2.55 31.80
C ARG C 112 -8.15 -1.33 31.17
N MET C 113 -7.28 -1.54 30.16
CA MET C 113 -6.65 -0.41 29.49
C MET C 113 -7.70 0.50 28.85
N SER C 114 -8.66 -0.09 28.13
CA SER C 114 -9.69 0.72 27.48
C SER C 114 -10.55 1.45 28.51
N LYS C 115 -10.91 0.75 29.59
CA LYS C 115 -11.73 1.37 30.62
C LYS C 115 -11.06 2.61 31.19
N MET C 116 -9.75 2.53 31.45
CA MET C 116 -9.06 3.63 32.12
C MET C 116 -8.85 4.81 31.18
N LEU C 117 -8.59 4.57 29.90
CA LEU C 117 -8.48 5.70 28.98
C LEU C 117 -9.81 6.43 28.84
N HIS C 118 -10.93 5.70 28.84
CA HIS C 118 -12.21 6.37 28.91
C HIS C 118 -12.33 7.17 30.21
N ALA C 119 -11.96 6.56 31.34
CA ALA C 119 -12.03 7.29 32.60
C ALA C 119 -11.15 8.53 32.58
N PHE C 120 -9.99 8.46 31.92
CA PHE C 120 -9.08 9.59 31.80
C PHE C 120 -9.52 10.61 30.74
N ASP C 121 -10.51 10.30 29.91
CA ASP C 121 -10.88 11.17 28.78
C ASP C 121 -9.68 11.39 27.86
N TYR C 122 -8.89 10.35 27.64
CA TYR C 122 -7.59 10.50 27.01
C TYR C 122 -7.74 10.40 25.49
N GLY C 123 -7.52 11.51 24.80
CA GLY C 123 -7.55 11.51 23.35
C GLY C 123 -8.84 10.95 22.80
N ASN C 124 -8.73 10.13 21.75
CA ASN C 124 -9.91 9.49 21.20
C ASN C 124 -10.26 8.20 21.93
N GLU C 125 -9.52 7.84 22.99
CA GLU C 125 -9.90 6.75 23.88
C GLU C 125 -10.03 5.41 23.14
N ASP C 126 -9.27 5.23 22.06
N ASP C 126 -9.31 5.24 22.04
CA ASP C 126 -9.40 4.10 21.16
CA ASP C 126 -9.45 4.06 21.19
C ASP C 126 -8.12 3.28 21.21
C ASP C 126 -8.14 3.27 21.21
N ILE C 127 -8.20 2.04 21.71
CA ILE C 127 -7.01 1.20 21.83
C ILE C 127 -6.96 0.12 20.74
N SER C 128 -7.71 0.30 19.65
CA SER C 128 -7.71 -0.70 18.58
C SER C 128 -6.28 -1.00 18.15
N GLY C 129 -6.02 -2.27 17.86
CA GLY C 129 -4.67 -2.71 17.52
C GLY C 129 -4.17 -3.72 18.52
N ASN C 130 -2.85 -3.97 18.53
CA ASN C 130 -2.27 -4.89 19.52
C ASN C 130 -2.15 -4.19 20.87
N VAL C 131 -2.50 -4.90 21.94
CA VAL C 131 -2.48 -4.32 23.27
C VAL C 131 -1.08 -3.86 23.67
N ASP C 132 -0.02 -4.46 23.12
CA ASP C 132 1.33 -4.08 23.49
C ASP C 132 1.98 -3.16 22.46
N SER C 133 1.21 -2.58 21.54
CA SER C 133 1.81 -1.59 20.66
C SER C 133 0.82 -0.55 20.11
N PHE C 134 -0.42 -0.48 20.62
CA PHE C 134 -1.42 0.38 19.96
C PHE C 134 -1.04 1.86 19.98
N TRP C 135 -0.25 2.29 20.97
CA TRP C 135 0.19 3.67 21.05
C TRP C 135 1.31 3.99 20.07
N LEU C 136 1.87 2.99 19.39
CA LEU C 136 2.89 3.16 18.38
C LEU C 136 2.37 2.94 16.97
N ASP C 137 1.39 2.04 16.78
CA ASP C 137 0.87 1.78 15.44
C ASP C 137 -0.59 1.35 15.46
N GLY C 138 -1.35 1.69 16.49
CA GLY C 138 -2.75 1.34 16.56
C GLY C 138 -3.64 2.55 16.33
N GLY C 139 -4.82 2.54 16.93
CA GLY C 139 -5.84 3.53 16.62
C GLY C 139 -5.88 4.71 17.56
N ILE C 140 -5.10 4.72 18.63
CA ILE C 140 -5.19 5.80 19.60
C ILE C 140 -4.57 7.06 19.00
N ARG C 141 -5.22 8.19 19.25
CA ARG C 141 -4.80 9.49 18.74
C ARG C 141 -5.08 10.53 19.80
N ILE C 142 -4.22 11.55 19.85
CA ILE C 142 -4.39 12.65 20.78
C ILE C 142 -3.78 13.91 20.17
N SER C 143 -4.41 15.04 20.46
CA SER C 143 -3.93 16.35 20.02
C SER C 143 -3.11 17.03 21.12
N ALA C 144 -2.38 18.08 20.72
CA ALA C 144 -1.58 18.83 21.70
C ALA C 144 -2.45 19.47 22.77
N THR C 145 -3.63 19.98 22.39
N THR C 145 -3.63 19.98 22.39
CA THR C 145 -4.51 20.59 23.38
CA THR C 145 -4.52 20.59 23.36
C THR C 145 -5.11 19.55 24.30
C THR C 145 -5.11 19.55 24.30
N GLU C 146 -5.45 18.37 23.76
CA GLU C 146 -5.92 17.26 24.61
C GLU C 146 -4.83 16.78 25.56
N GLN C 147 -3.56 16.85 25.15
CA GLN C 147 -2.47 16.54 26.08
C GLN C 147 -2.48 17.50 27.26
N ILE C 148 -2.70 18.80 27.00
CA ILE C 148 -2.75 19.79 28.07
C ILE C 148 -3.86 19.45 29.05
N SER C 149 -5.07 19.17 28.52
N SER C 149 -5.07 19.19 28.52
CA SER C 149 -6.18 18.88 29.41
CA SER C 149 -6.20 18.87 29.38
C SER C 149 -5.90 17.68 30.29
C SER C 149 -5.87 17.69 30.29
N PHE C 150 -5.26 16.65 29.73
CA PHE C 150 -4.91 15.48 30.52
C PHE C 150 -3.85 15.83 31.58
N LEU C 151 -2.82 16.58 31.19
CA LEU C 151 -1.75 16.94 32.12
C LEU C 151 -2.29 17.82 33.25
N ARG C 152 -3.23 18.71 32.96
CA ARG C 152 -3.79 19.56 34.01
C ARG C 152 -4.48 18.72 35.08
N LYS C 153 -5.21 17.69 34.67
CA LYS C 153 -5.83 16.80 35.65
C LYS C 153 -4.79 16.09 36.48
N LEU C 154 -3.74 15.58 35.82
CA LEU C 154 -2.66 14.94 36.54
C LEU C 154 -2.03 15.88 37.55
N TYR C 155 -1.75 17.12 37.14
CA TYR C 155 -1.13 18.08 38.05
C TYR C 155 -1.98 18.24 39.31
N HIS C 156 -3.29 18.32 39.16
CA HIS C 156 -4.19 18.58 40.27
C HIS C 156 -4.67 17.31 40.97
N ASN C 157 -4.11 16.15 40.63
CA ASN C 157 -4.51 14.88 41.24
C ASN C 157 -5.99 14.57 40.99
N LYS C 158 -6.52 14.98 39.84
CA LYS C 158 -7.93 14.84 39.53
C LYS C 158 -8.24 13.66 38.61
N LEU C 159 -7.23 12.94 38.15
CA LEU C 159 -7.51 11.74 37.36
C LEU C 159 -8.08 10.66 38.27
N HIS C 160 -8.84 9.73 37.67
CA HIS C 160 -9.55 8.70 38.41
C HIS C 160 -8.62 7.51 38.72
N VAL C 161 -7.53 7.84 39.40
CA VAL C 161 -6.64 6.88 40.05
C VAL C 161 -6.24 7.49 41.39
N SER C 162 -5.54 6.72 42.21
CA SER C 162 -5.22 7.21 43.54
C SER C 162 -4.25 8.40 43.47
N GLU C 163 -4.25 9.20 44.56
CA GLU C 163 -3.28 10.28 44.67
C GLU C 163 -1.86 9.73 44.61
N ARG C 164 -1.60 8.60 45.26
CA ARG C 164 -0.27 8.00 45.24
C ARG C 164 0.20 7.73 43.82
N SER C 165 -0.64 7.10 43.01
CA SER C 165 -0.25 6.78 41.63
C SER C 165 0.13 8.05 40.87
N GLN C 166 -0.64 9.11 41.06
CA GLN C 166 -0.37 10.35 40.35
C GLN C 166 0.91 11.02 40.84
N ARG C 167 1.16 10.99 42.16
CA ARG C 167 2.41 11.55 42.69
C ARG C 167 3.62 10.79 42.18
N ILE C 168 3.52 9.46 42.07
CA ILE C 168 4.66 8.67 41.61
C ILE C 168 4.96 8.98 40.15
N VAL C 169 3.94 9.07 39.31
CA VAL C 169 4.18 9.34 37.90
C VAL C 169 4.76 10.74 37.71
N LYS C 170 4.29 11.72 38.50
CA LYS C 170 4.83 13.07 38.38
C LYS C 170 6.30 13.13 38.81
N GLN C 171 6.68 12.32 39.82
CA GLN C 171 8.09 12.14 40.14
C GLN C 171 8.86 11.59 38.96
N ALA C 172 8.33 10.52 38.34
CA ALA C 172 9.00 9.89 37.20
C ALA C 172 9.08 10.82 36.00
N MET C 173 8.21 11.83 35.90
CA MET C 173 8.28 12.79 34.82
C MET C 173 9.36 13.85 35.02
N LEU C 174 9.99 13.91 36.21
CA LEU C 174 10.96 14.96 36.50
C LEU C 174 12.05 14.96 35.44
N THR C 175 12.27 16.11 34.81
CA THR C 175 13.21 16.20 33.70
C THR C 175 14.31 17.21 33.97
N GLU C 176 13.98 18.36 34.55
CA GLU C 176 14.97 19.39 34.83
C GLU C 176 14.54 20.20 36.04
N ALA C 177 15.49 20.61 36.84
CA ALA C 177 15.19 21.46 37.99
C ALA C 177 16.42 22.29 38.32
N ASN C 178 16.18 23.55 38.64
CA ASN C 178 17.23 24.47 39.06
C ASN C 178 16.58 25.53 39.95
N GLY C 179 17.34 26.57 40.29
CA GLY C 179 16.82 27.61 41.15
C GLY C 179 15.71 28.43 40.53
N ASP C 180 15.48 28.32 39.22
CA ASP C 180 14.49 29.15 38.55
C ASP C 180 13.21 28.41 38.19
N TYR C 181 13.26 27.11 37.92
CA TYR C 181 12.07 26.41 37.45
C TYR C 181 12.27 24.91 37.57
N ILE C 182 11.16 24.18 37.50
CA ILE C 182 11.12 22.72 37.42
C ILE C 182 10.34 22.34 36.18
N ILE C 183 10.87 21.40 35.40
CA ILE C 183 10.15 20.84 34.26
C ILE C 183 9.86 19.37 34.55
N ARG C 184 8.58 19.02 34.48
CA ARG C 184 8.10 17.64 34.46
C ARG C 184 7.48 17.39 33.10
N ALA C 185 7.98 16.37 32.39
CA ALA C 185 7.65 16.26 30.96
C ALA C 185 7.94 14.84 30.48
N LYS C 186 7.49 14.55 29.25
CA LYS C 186 7.78 13.27 28.61
C LYS C 186 7.93 13.50 27.11
N THR C 187 8.99 12.94 26.54
CA THR C 187 9.20 12.99 25.10
C THR C 187 8.45 11.87 24.39
N GLY C 188 8.20 12.10 23.10
CA GLY C 188 7.66 11.06 22.24
C GLY C 188 8.25 11.17 20.85
N TYR C 189 8.28 10.03 20.17
CA TYR C 189 8.84 9.92 18.82
C TYR C 189 8.04 8.87 18.08
N SER C 190 7.19 9.31 17.14
CA SER C 190 6.28 8.44 16.39
C SER C 190 6.81 8.26 14.97
N THR C 191 7.13 7.01 14.59
CA THR C 191 7.69 6.73 13.27
C THR C 191 6.92 5.70 12.45
N ARG C 192 5.97 4.97 13.02
CA ARG C 192 5.41 3.83 12.31
C ARG C 192 4.29 4.20 11.34
N ILE C 193 3.68 5.37 11.49
CA ILE C 193 2.66 5.86 10.56
C ILE C 193 2.98 7.33 10.26
N GLU C 194 2.72 7.74 9.02
CA GLU C 194 3.02 9.11 8.65
C GLU C 194 1.96 10.07 9.20
N PRO C 195 2.33 11.32 9.52
CA PRO C 195 3.68 11.89 9.42
C PRO C 195 4.53 11.51 10.62
N LYS C 196 5.82 11.24 10.43
CA LYS C 196 6.69 11.01 11.56
C LYS C 196 6.85 12.30 12.34
N ILE C 197 6.66 12.23 13.66
CA ILE C 197 6.67 13.43 14.51
C ILE C 197 7.40 13.15 15.83
N GLY C 198 7.86 14.23 16.44
CA GLY C 198 8.35 14.20 17.81
C GLY C 198 7.42 15.00 18.69
N TRP C 199 7.31 14.57 19.95
CA TRP C 199 6.47 15.20 20.97
C TRP C 199 7.35 15.65 22.14
N TRP C 200 6.90 16.71 22.82
CA TRP C 200 7.33 16.98 24.19
C TRP C 200 6.14 17.61 24.90
N VAL C 201 5.70 16.98 25.99
CA VAL C 201 4.54 17.45 26.74
C VAL C 201 4.85 17.43 28.23
N GLY C 202 4.30 18.40 28.96
CA GLY C 202 4.57 18.52 30.39
C GLY C 202 4.21 19.90 30.91
N TRP C 203 4.95 20.33 31.92
CA TRP C 203 4.72 21.65 32.46
C TRP C 203 5.98 22.21 33.10
N VAL C 204 5.95 23.52 33.30
CA VAL C 204 7.02 24.26 33.95
C VAL C 204 6.46 24.81 35.26
N GLU C 205 7.09 24.43 36.38
CA GLU C 205 6.67 24.90 37.69
C GLU C 205 7.51 26.13 38.06
N LEU C 206 6.82 27.22 38.37
CA LEU C 206 7.44 28.43 38.89
C LEU C 206 7.01 28.64 40.33
N ASP C 207 7.64 29.62 40.99
CA ASP C 207 7.31 29.93 42.38
C ASP C 207 5.82 30.16 42.58
N ASP C 208 5.17 30.88 41.65
CA ASP C 208 3.79 31.32 41.86
C ASP C 208 2.89 31.03 40.66
N ASN C 209 3.28 30.13 39.77
CA ASN C 209 2.45 29.80 38.61
C ASN C 209 2.97 28.50 38.00
N VAL C 210 2.18 27.93 37.11
N VAL C 210 2.15 27.92 37.13
CA VAL C 210 2.58 26.75 36.36
CA VAL C 210 2.51 26.75 36.35
C VAL C 210 2.13 26.92 34.92
C VAL C 210 2.14 27.02 34.90
N TRP C 211 3.05 26.70 33.98
CA TRP C 211 2.78 26.77 32.55
C TRP C 211 2.82 25.37 31.98
N PHE C 212 1.67 24.89 31.50
CA PHE C 212 1.62 23.61 30.80
C PHE C 212 2.00 23.80 29.33
N PHE C 213 2.60 22.77 28.75
CA PHE C 213 2.98 22.85 27.34
C PHE C 213 2.80 21.51 26.65
N ALA C 214 2.55 21.58 25.34
CA ALA C 214 2.52 20.40 24.51
C ALA C 214 2.95 20.82 23.10
N MET C 215 3.93 20.12 22.55
CA MET C 215 4.46 20.44 21.24
C MET C 215 4.63 19.17 20.43
N ASN C 216 4.37 19.28 19.13
CA ASN C 216 4.85 18.25 18.22
C ASN C 216 5.41 18.94 16.98
N MET C 217 6.25 18.19 16.25
CA MET C 217 6.95 18.72 15.10
C MET C 217 7.29 17.57 14.16
N ASP C 218 7.37 17.89 12.87
CA ASP C 218 7.77 16.90 11.89
C ASP C 218 9.17 16.42 12.20
N MET C 219 9.39 15.11 12.06
CA MET C 219 10.65 14.48 12.46
C MET C 219 11.03 13.47 11.39
N PRO C 220 11.43 13.94 10.20
CA PRO C 220 11.78 13.02 9.11
C PRO C 220 12.91 12.06 9.46
N THR C 221 13.81 12.45 10.35
CA THR C 221 14.90 11.61 10.81
C THR C 221 15.15 11.86 12.28
N SER C 222 15.87 10.92 12.90
CA SER C 222 16.19 11.02 14.32
C SER C 222 17.19 12.13 14.62
N ASP C 223 17.80 12.73 13.58
CA ASP C 223 18.79 13.77 13.80
C ASP C 223 18.19 15.02 14.45
N GLY C 224 16.90 15.25 14.30
CA GLY C 224 16.28 16.44 14.84
C GLY C 224 15.68 16.30 16.22
N LEU C 225 15.87 15.17 16.92
CA LEU C 225 15.09 14.93 18.12
C LEU C 225 15.34 15.99 19.19
N GLY C 226 16.57 16.51 19.26
CA GLY C 226 16.89 17.53 20.26
C GLY C 226 16.13 18.82 20.09
N LEU C 227 15.55 19.05 18.89
CA LEU C 227 14.77 20.26 18.65
C LEU C 227 13.45 20.26 19.41
N ARG C 228 12.94 19.09 19.79
CA ARG C 228 11.72 19.07 20.58
C ARG C 228 11.85 19.96 21.81
N GLN C 229 12.92 19.75 22.59
CA GLN C 229 13.16 20.55 23.78
C GLN C 229 13.70 21.93 23.46
N ALA C 230 14.58 22.03 22.47
CA ALA C 230 15.23 23.30 22.17
C ALA C 230 14.21 24.34 21.69
N ILE C 231 13.32 23.94 20.78
CA ILE C 231 12.32 24.87 20.26
C ILE C 231 11.34 25.26 21.36
N THR C 232 10.90 24.28 22.17
CA THR C 232 10.02 24.59 23.29
C THR C 232 10.66 25.60 24.21
N LYS C 233 11.92 25.38 24.60
CA LYS C 233 12.58 26.30 25.53
C LYS C 233 12.78 27.68 24.91
N GLU C 234 12.98 27.76 23.58
CA GLU C 234 13.09 29.06 22.95
C GLU C 234 11.79 29.83 23.05
N VAL C 235 10.66 29.15 22.90
CA VAL C 235 9.36 29.80 23.09
C VAL C 235 9.22 30.26 24.53
N LEU C 236 9.51 29.38 25.48
CA LEU C 236 9.42 29.75 26.89
C LEU C 236 10.31 30.95 27.17
N LYS C 237 11.52 30.98 26.62
CA LYS C 237 12.39 32.13 26.81
C LYS C 237 11.81 33.38 26.17
N GLN C 238 11.25 33.25 24.96
CA GLN C 238 10.69 34.43 24.28
C GLN C 238 9.56 35.03 25.11
N GLU C 239 8.76 34.19 25.74
CA GLU C 239 7.66 34.65 26.57
C GLU C 239 8.07 34.96 28.00
N LYS C 240 9.38 34.94 28.29
CA LYS C 240 9.89 35.29 29.61
C LYS C 240 9.29 34.40 30.70
N ILE C 241 8.97 33.16 30.36
CA ILE C 241 8.51 32.18 31.34
C ILE C 241 9.71 31.59 32.07
N ILE C 242 10.81 31.36 31.36
CA ILE C 242 12.08 30.94 31.96
C ILE C 242 13.12 31.96 31.52
N PRO C 243 14.23 32.09 32.28
CA PRO C 243 15.28 33.02 31.89
C PRO C 243 16.03 32.59 30.64
N LYS D 1 -13.34 3.63 -31.57
CA LYS D 1 -13.06 3.68 -30.14
C LYS D 1 -12.46 2.36 -29.65
N GLU D 2 -12.97 1.26 -30.19
CA GLU D 2 -12.50 -0.06 -29.78
C GLU D 2 -11.23 -0.47 -30.50
N TRP D 3 -11.06 -0.06 -31.75
CA TRP D 3 -9.82 -0.30 -32.50
C TRP D 3 -9.31 1.00 -33.10
N GLN D 4 -8.01 1.24 -32.93
CA GLN D 4 -7.34 2.43 -33.42
C GLN D 4 -6.15 1.99 -34.27
N GLU D 5 -6.01 2.59 -35.45
CA GLU D 5 -4.89 2.31 -36.33
C GLU D 5 -3.82 3.36 -36.08
N ASN D 6 -2.58 2.93 -35.90
CA ASN D 6 -1.46 3.87 -35.70
C ASN D 6 -0.41 3.57 -36.76
N LYS D 7 -0.50 4.28 -37.89
CA LYS D 7 0.45 4.03 -38.97
C LYS D 7 1.86 4.50 -38.65
N SER D 8 2.06 5.29 -37.59
CA SER D 8 3.41 5.70 -37.22
C SER D 8 4.28 4.50 -36.89
N TRP D 9 3.68 3.38 -36.45
CA TRP D 9 4.47 2.20 -36.16
C TRP D 9 5.09 1.58 -37.40
N ASN D 10 4.58 1.90 -38.59
CA ASN D 10 5.16 1.35 -39.81
C ASN D 10 6.63 1.69 -39.92
N ALA D 11 7.06 2.81 -39.33
CA ALA D 11 8.47 3.16 -39.36
C ALA D 11 9.33 2.07 -38.74
N HIS D 12 8.83 1.37 -37.72
CA HIS D 12 9.63 0.33 -37.11
C HIS D 12 9.80 -0.87 -38.05
N PHE D 13 8.89 -1.05 -39.00
CA PHE D 13 9.08 -2.09 -40.01
C PHE D 13 9.98 -1.60 -41.15
N THR D 14 9.69 -0.40 -41.69
CA THR D 14 10.45 0.09 -42.83
C THR D 14 11.90 0.39 -42.47
N GLU D 15 12.17 0.69 -41.19
CA GLU D 15 13.55 0.83 -40.76
C GLU D 15 14.37 -0.40 -41.14
N HIS D 16 13.76 -1.58 -41.10
CA HIS D 16 14.43 -2.83 -41.44
C HIS D 16 14.06 -3.34 -42.82
N LYS D 17 13.48 -2.49 -43.67
CA LYS D 17 13.07 -2.90 -45.01
C LYS D 17 12.18 -4.14 -44.92
N SER D 18 11.31 -4.15 -43.92
CA SER D 18 10.43 -5.29 -43.67
C SER D 18 8.98 -4.84 -43.73
N GLN D 19 8.09 -5.82 -43.70
CA GLN D 19 6.66 -5.58 -43.70
C GLN D 19 6.02 -6.51 -42.70
N GLY D 20 5.03 -5.99 -41.98
CA GLY D 20 4.32 -6.82 -41.04
C GLY D 20 3.30 -6.01 -40.25
N VAL D 21 2.79 -6.64 -39.20
CA VAL D 21 1.77 -6.03 -38.36
C VAL D 21 2.09 -6.31 -36.90
N VAL D 22 1.83 -5.31 -36.05
CA VAL D 22 1.78 -5.48 -34.61
C VAL D 22 0.38 -5.11 -34.16
N VAL D 23 -0.21 -5.96 -33.32
CA VAL D 23 -1.51 -5.74 -32.71
C VAL D 23 -1.33 -5.76 -31.20
N LEU D 24 -1.86 -4.73 -30.53
CA LEU D 24 -1.84 -4.62 -29.08
C LEU D 24 -3.26 -4.55 -28.54
N TRP D 25 -3.45 -5.08 -27.33
CA TRP D 25 -4.75 -5.01 -26.66
C TRP D 25 -4.53 -4.61 -25.21
N ASN D 26 -5.09 -3.46 -24.84
CA ASN D 26 -5.08 -2.96 -23.47
C ASN D 26 -6.25 -3.58 -22.73
N GLU D 27 -5.93 -4.48 -21.79
CA GLU D 27 -6.97 -5.27 -21.13
C GLU D 27 -7.83 -4.40 -20.22
N ASN D 28 -7.23 -3.48 -19.46
CA ASN D 28 -8.01 -2.61 -18.58
C ASN D 28 -9.03 -1.80 -19.36
N LYS D 29 -8.59 -1.20 -20.48
CA LYS D 29 -9.42 -0.29 -21.26
C LYS D 29 -10.23 -1.00 -22.34
N GLN D 30 -9.98 -2.28 -22.58
CA GLN D 30 -10.66 -3.03 -23.64
C GLN D 30 -10.56 -2.29 -24.97
N GLN D 31 -9.33 -1.88 -25.31
CA GLN D 31 -9.03 -1.16 -26.55
C GLN D 31 -7.84 -1.78 -27.24
N GLY D 32 -7.94 -1.88 -28.56
CA GLY D 32 -6.87 -2.43 -29.38
C GLY D 32 -6.25 -1.39 -30.30
N PHE D 33 -5.01 -1.65 -30.70
CA PHE D 33 -4.21 -0.73 -31.50
C PHE D 33 -3.37 -1.55 -32.47
N THR D 34 -3.25 -1.07 -33.70
CA THR D 34 -2.43 -1.77 -34.67
C THR D 34 -1.97 -0.80 -35.74
N ASN D 35 -0.89 -1.17 -36.42
CA ASN D 35 -0.43 -0.36 -37.56
C ASN D 35 -1.15 -0.71 -38.85
N ASN D 36 -1.90 -1.80 -38.89
CA ASN D 36 -2.51 -2.26 -40.14
C ASN D 36 -3.74 -3.10 -39.77
N LEU D 37 -4.91 -2.46 -39.80
CA LEU D 37 -6.12 -3.12 -39.34
C LEU D 37 -6.43 -4.37 -40.17
N LYS D 38 -6.22 -4.31 -41.48
CA LYS D 38 -6.55 -5.45 -42.32
C LYS D 38 -5.57 -6.60 -42.12
N ARG D 39 -4.26 -6.33 -42.13
CA ARG D 39 -3.33 -7.43 -41.87
C ARG D 39 -3.50 -7.98 -40.46
N ALA D 40 -3.96 -7.17 -39.52
CA ALA D 40 -4.25 -7.68 -38.17
C ALA D 40 -5.26 -8.82 -38.21
N ASN D 41 -6.14 -8.84 -39.21
CA ASN D 41 -7.15 -9.87 -39.35
C ASN D 41 -6.81 -10.88 -40.44
N GLN D 42 -5.62 -10.81 -41.02
CA GLN D 42 -5.24 -11.77 -42.05
C GLN D 42 -4.77 -13.07 -41.40
N ALA D 43 -5.25 -14.19 -41.91
CA ALA D 43 -5.02 -15.49 -41.26
C ALA D 43 -3.86 -16.21 -41.92
N PHE D 44 -2.94 -16.71 -41.10
CA PHE D 44 -1.75 -17.42 -41.55
C PHE D 44 -1.63 -18.74 -40.80
N LEU D 45 -0.78 -19.62 -41.33
CA LEU D 45 -0.37 -20.79 -40.57
C LEU D 45 0.20 -20.34 -39.23
N PRO D 46 -0.17 -20.97 -38.12
CA PRO D 46 0.37 -20.55 -36.82
C PRO D 46 1.81 -20.97 -36.60
N ALA D 47 2.28 -22.00 -37.30
CA ALA D 47 3.59 -22.59 -37.08
C ALA D 47 3.79 -22.81 -35.59
N SER D 48 4.97 -22.53 -35.05
CA SER D 48 5.25 -22.92 -33.67
C SER D 48 4.47 -22.14 -32.62
N THR D 49 3.72 -21.09 -32.96
CA THR D 49 2.80 -20.57 -31.95
C THR D 49 1.74 -21.60 -31.61
N PHE D 50 1.53 -22.62 -32.45
CA PHE D 50 0.59 -23.68 -32.15
C PHE D 50 1.03 -24.53 -30.94
N KCX D 51 2.27 -24.37 -30.50
CA KCX D 51 2.74 -25.10 -29.32
CB KCX D 51 4.25 -24.93 -29.12
CG KCX D 51 5.05 -25.76 -30.15
CD KCX D 51 6.57 -25.74 -29.97
CE KCX D 51 7.24 -26.70 -30.98
NZ KCX D 51 7.10 -26.14 -32.35
C KCX D 51 1.97 -24.67 -28.06
O KCX D 51 1.89 -25.43 -27.08
CX KCX D 51 6.22 -26.62 -33.24
OQ1 KCX D 51 5.49 -27.59 -32.95
OQ2 KCX D 51 6.15 -26.08 -34.36
N ILE D 52 1.34 -23.49 -28.07
CA ILE D 52 0.53 -23.09 -26.95
C ILE D 52 -0.71 -24.01 -26.84
N PRO D 53 -1.59 -24.03 -27.86
CA PRO D 53 -2.75 -24.93 -27.76
C PRO D 53 -2.37 -26.40 -27.70
N ASN D 54 -1.32 -26.80 -28.41
CA ASN D 54 -0.89 -28.20 -28.40
C ASN D 54 -0.47 -28.62 -26.99
N SER D 55 0.27 -27.76 -26.28
CA SER D 55 0.65 -28.04 -24.90
C SER D 55 -0.58 -28.18 -24.01
N LEU D 56 -1.56 -27.28 -24.16
CA LEU D 56 -2.77 -27.33 -23.34
C LEU D 56 -3.51 -28.65 -23.51
N ILE D 57 -3.68 -29.08 -24.76
CA ILE D 57 -4.39 -30.31 -25.06
C ILE D 57 -3.61 -31.52 -24.52
N ALA D 58 -2.31 -31.55 -24.77
CA ALA D 58 -1.50 -32.68 -24.31
C ALA D 58 -1.54 -32.82 -22.78
N LEU D 59 -1.51 -31.68 -22.07
CA LEU D 59 -1.59 -31.73 -20.60
C LEU D 59 -2.98 -32.17 -20.14
N ASP D 60 -4.03 -31.61 -20.74
CA ASP D 60 -5.37 -31.93 -20.23
C ASP D 60 -5.72 -33.39 -20.45
N LEU D 61 -5.17 -34.00 -21.50
CA LEU D 61 -5.44 -35.40 -21.81
C LEU D 61 -4.47 -36.37 -21.13
N GLY D 62 -3.44 -35.87 -20.45
CA GLY D 62 -2.50 -36.75 -19.81
C GLY D 62 -1.40 -37.26 -20.71
N VAL D 63 -1.32 -36.79 -21.96
CA VAL D 63 -0.20 -37.12 -22.83
C VAL D 63 1.09 -36.60 -22.20
N VAL D 64 1.04 -35.43 -21.58
CA VAL D 64 2.13 -34.88 -20.79
C VAL D 64 1.65 -34.84 -19.34
N LYS D 65 2.42 -35.49 -18.45
CA LYS D 65 2.00 -35.58 -17.05
C LYS D 65 2.21 -34.25 -16.32
N ASP D 66 3.36 -33.62 -16.52
CA ASP D 66 3.67 -32.34 -15.90
C ASP D 66 4.85 -31.74 -16.63
N GLU D 67 5.31 -30.59 -16.15
CA GLU D 67 6.35 -29.83 -16.84
C GLU D 67 7.74 -30.40 -16.61
N HIS D 68 7.88 -31.46 -15.80
CA HIS D 68 9.17 -32.12 -15.57
C HIS D 68 9.36 -33.40 -16.37
N GLN D 69 8.28 -33.97 -16.90
CA GLN D 69 8.40 -35.23 -17.64
C GLN D 69 9.37 -35.07 -18.79
N VAL D 70 10.29 -36.02 -18.92
CA VAL D 70 11.35 -35.96 -19.92
C VAL D 70 10.91 -36.68 -21.18
N PHE D 71 11.07 -36.02 -22.32
CA PHE D 71 10.84 -36.60 -23.64
C PHE D 71 12.21 -36.83 -24.26
N LYS D 72 12.62 -38.09 -24.33
CA LYS D 72 13.97 -38.38 -24.78
C LYS D 72 14.14 -38.16 -26.28
N TRP D 73 15.30 -37.64 -26.64
CA TRP D 73 15.69 -37.52 -28.03
C TRP D 73 15.56 -38.87 -28.72
N ASP D 74 14.99 -38.87 -29.92
CA ASP D 74 14.79 -40.13 -30.65
C ASP D 74 16.05 -40.57 -31.39
N GLY D 75 17.17 -39.87 -31.20
CA GLY D 75 18.43 -40.25 -31.79
C GLY D 75 18.64 -39.81 -33.22
N GLN D 76 17.69 -39.09 -33.81
CA GLN D 76 17.83 -38.59 -35.18
C GLN D 76 18.45 -37.20 -35.14
N THR D 77 19.61 -37.06 -35.75
CA THR D 77 20.30 -35.77 -35.78
C THR D 77 19.59 -34.83 -36.75
N ARG D 78 19.09 -33.71 -36.22
CA ARG D 78 18.41 -32.71 -37.03
C ARG D 78 19.26 -31.44 -37.08
N ASP D 79 18.86 -30.51 -37.95
CA ASP D 79 19.71 -29.37 -38.26
C ASP D 79 19.73 -28.30 -37.17
N ILE D 80 18.83 -28.38 -36.19
CA ILE D 80 18.84 -27.47 -35.05
C ILE D 80 19.42 -28.22 -33.85
N ALA D 81 20.63 -27.81 -33.43
CA ALA D 81 21.39 -28.56 -32.45
C ALA D 81 20.62 -28.75 -31.14
N THR D 82 19.91 -27.70 -30.68
CA THR D 82 19.16 -27.80 -29.42
C THR D 82 18.03 -28.82 -29.48
N TRP D 83 17.66 -29.30 -30.66
CA TRP D 83 16.66 -30.36 -30.76
C TRP D 83 17.24 -31.75 -30.51
N ASN D 84 18.56 -31.90 -30.61
CA ASN D 84 19.19 -33.21 -30.51
C ASN D 84 19.59 -33.53 -29.06
N ARG D 85 18.59 -33.49 -28.18
CA ARG D 85 18.82 -33.75 -26.77
C ARG D 85 17.47 -34.01 -26.11
N ASP D 86 17.52 -34.46 -24.86
CA ASP D 86 16.29 -34.67 -24.11
C ASP D 86 15.67 -33.33 -23.77
N HIS D 87 14.35 -33.32 -23.60
CA HIS D 87 13.62 -32.10 -23.28
C HIS D 87 12.49 -32.40 -22.30
N ASN D 88 12.07 -31.36 -21.59
CA ASN D 88 10.78 -31.36 -20.91
C ASN D 88 9.90 -30.28 -21.55
N LEU D 89 8.71 -30.07 -20.98
CA LEU D 89 7.78 -29.12 -21.60
C LEU D 89 8.36 -27.71 -21.63
N ILE D 90 9.09 -27.34 -20.57
CA ILE D 90 9.65 -25.99 -20.49
C ILE D 90 10.70 -25.79 -21.59
N THR D 91 11.66 -26.71 -21.69
CA THR D 91 12.72 -26.54 -22.68
C THR D 91 12.23 -26.82 -24.10
N ALA D 92 11.23 -27.70 -24.24
CA ALA D 92 10.66 -27.96 -25.56
C ALA D 92 9.99 -26.70 -26.11
N MET D 93 9.34 -25.92 -25.25
N MET D 93 9.31 -25.94 -25.25
CA MET D 93 8.77 -24.66 -25.72
CA MET D 93 8.76 -24.65 -25.65
C MET D 93 9.85 -23.61 -25.93
C MET D 93 9.87 -23.65 -25.94
N LYS D 94 10.83 -23.55 -25.02
CA LYS D 94 11.89 -22.55 -25.13
C LYS D 94 12.65 -22.68 -26.45
N TYR D 95 12.94 -23.92 -26.87
CA TYR D 95 13.71 -24.15 -28.09
C TYR D 95 12.83 -24.54 -29.27
N SER D 96 11.51 -24.38 -29.15
N SER D 96 11.51 -24.40 -29.14
CA SER D 96 10.57 -24.67 -30.24
CA SER D 96 10.58 -24.66 -30.24
C SER D 96 10.87 -26.02 -30.88
C SER D 96 10.84 -26.02 -30.88
N VAL D 97 10.93 -27.05 -30.04
CA VAL D 97 11.35 -28.38 -30.49
C VAL D 97 10.21 -29.11 -31.19
N VAL D 98 10.12 -28.91 -32.50
CA VAL D 98 9.04 -29.51 -33.30
C VAL D 98 8.88 -31.01 -33.07
N PRO D 99 9.93 -31.83 -33.09
CA PRO D 99 9.70 -33.28 -33.05
C PRO D 99 9.04 -33.75 -31.76
N VAL D 100 9.24 -33.05 -30.65
CA VAL D 100 8.56 -33.40 -29.41
C VAL D 100 7.06 -33.16 -29.56
N TYR D 101 6.67 -32.02 -30.13
CA TYR D 101 5.26 -31.70 -30.27
C TYR D 101 4.57 -32.53 -31.35
N GLN D 102 5.31 -33.00 -32.35
CA GLN D 102 4.75 -33.94 -33.30
C GLN D 102 4.37 -35.26 -32.62
N GLU D 103 5.20 -35.73 -31.69
CA GLU D 103 4.85 -36.91 -30.92
C GLU D 103 3.63 -36.65 -30.03
N PHE D 104 3.56 -35.49 -29.38
CA PHE D 104 2.33 -35.11 -28.68
C PHE D 104 1.11 -35.26 -29.60
N ALA D 105 1.20 -34.68 -30.80
CA ALA D 105 0.05 -34.64 -31.70
C ALA D 105 -0.39 -36.04 -32.10
N ARG D 106 0.56 -36.94 -32.37
CA ARG D 106 0.19 -38.30 -32.72
C ARG D 106 -0.55 -38.98 -31.57
N GLN D 107 -0.12 -38.73 -30.33
CA GLN D 107 -0.80 -39.34 -29.19
C GLN D 107 -2.16 -38.70 -28.95
N ILE D 108 -2.28 -37.39 -29.18
CA ILE D 108 -3.58 -36.75 -29.08
C ILE D 108 -4.53 -37.34 -30.12
N GLY D 109 -4.10 -37.42 -31.37
CA GLY D 109 -4.93 -37.96 -32.42
C GLY D 109 -5.84 -36.93 -33.06
N GLU D 110 -6.27 -37.24 -34.28
CA GLU D 110 -7.05 -36.31 -35.09
C GLU D 110 -8.38 -35.94 -34.43
N ALA D 111 -9.10 -36.94 -33.92
CA ALA D 111 -10.44 -36.67 -33.39
C ALA D 111 -10.38 -35.72 -32.21
N ARG D 112 -9.53 -36.00 -31.23
CA ARG D 112 -9.45 -35.14 -30.05
C ARG D 112 -8.85 -33.78 -30.40
N MET D 113 -7.85 -33.75 -31.29
CA MET D 113 -7.25 -32.47 -31.67
C MET D 113 -8.31 -31.56 -32.31
N SER D 114 -9.10 -32.11 -33.23
CA SER D 114 -10.09 -31.30 -33.91
C SER D 114 -11.15 -30.78 -32.94
N LYS D 115 -11.64 -31.64 -32.04
CA LYS D 115 -12.67 -31.21 -31.09
C LYS D 115 -12.15 -30.13 -30.15
N MET D 116 -10.91 -30.25 -29.69
N MET D 116 -10.92 -30.27 -29.67
CA MET D 116 -10.39 -29.29 -28.73
CA MET D 116 -10.36 -29.30 -28.72
C MET D 116 -10.15 -27.93 -29.37
C MET D 116 -10.18 -27.93 -29.37
N LEU D 117 -9.73 -27.90 -30.63
CA LEU D 117 -9.57 -26.61 -31.30
C LEU D 117 -10.91 -25.95 -31.55
N HIS D 118 -11.96 -26.75 -31.77
CA HIS D 118 -13.30 -26.16 -31.83
C HIS D 118 -13.70 -25.62 -30.46
N ALA D 119 -13.42 -26.36 -29.39
CA ALA D 119 -13.71 -25.89 -28.04
C ALA D 119 -12.92 -24.61 -27.71
N PHE D 120 -11.70 -24.50 -28.22
CA PHE D 120 -10.88 -23.30 -28.03
C PHE D 120 -11.29 -22.13 -28.91
N ASP D 121 -12.16 -22.35 -29.90
CA ASP D 121 -12.53 -21.31 -30.86
C ASP D 121 -11.28 -20.79 -31.58
N TYR D 122 -10.37 -21.70 -31.91
CA TYR D 122 -9.01 -21.37 -32.35
C TYR D 122 -8.96 -21.21 -33.87
N GLY D 123 -8.74 -19.98 -34.33
CA GLY D 123 -8.56 -19.76 -35.76
C GLY D 123 -9.71 -20.32 -36.57
N ASN D 124 -9.37 -20.95 -37.70
CA ASN D 124 -10.39 -21.57 -38.53
C ASN D 124 -10.72 -23.00 -38.11
N GLU D 125 -10.12 -23.48 -37.02
CA GLU D 125 -10.47 -24.77 -36.40
C GLU D 125 -10.28 -25.96 -37.34
N ASP D 126 -9.47 -25.80 -38.40
CA ASP D 126 -9.29 -26.83 -39.43
C ASP D 126 -7.93 -27.48 -39.30
N ILE D 127 -7.91 -28.79 -39.03
CA ILE D 127 -6.66 -29.51 -38.86
C ILE D 127 -6.32 -30.36 -40.08
N SER D 128 -6.92 -30.06 -41.24
CA SER D 128 -6.67 -30.85 -42.43
C SER D 128 -5.17 -30.95 -42.69
N GLY D 129 -4.74 -32.15 -43.07
CA GLY D 129 -3.34 -32.45 -43.26
C GLY D 129 -2.85 -33.55 -42.35
N ASN D 130 -1.54 -33.68 -42.17
CA ASN D 130 -1.03 -34.66 -41.26
C ASN D 130 -1.32 -34.24 -39.83
N VAL D 131 -1.76 -35.19 -39.01
CA VAL D 131 -2.08 -34.87 -37.63
C VAL D 131 -0.86 -34.32 -36.91
N ASP D 132 0.34 -34.68 -37.36
CA ASP D 132 1.58 -34.23 -36.74
C ASP D 132 2.31 -33.15 -37.54
N SER D 133 1.64 -32.49 -38.48
CA SER D 133 2.27 -31.33 -39.12
C SER D 133 1.28 -30.29 -39.64
N PHE D 134 -0.01 -30.38 -39.35
CA PHE D 134 -0.97 -29.49 -39.99
C PHE D 134 -0.74 -28.02 -39.62
N TRP D 135 -0.15 -27.75 -38.46
CA TRP D 135 0.14 -26.37 -38.07
C TRP D 135 1.35 -25.80 -38.79
N LEU D 136 2.10 -26.64 -39.49
CA LEU D 136 3.25 -26.21 -40.28
C LEU D 136 3.00 -26.23 -41.78
N ASP D 137 2.16 -27.16 -42.27
CA ASP D 137 1.93 -27.26 -43.70
C ASP D 137 0.54 -27.77 -44.05
N GLY D 138 -0.43 -27.65 -43.14
CA GLY D 138 -1.78 -28.06 -43.39
C GLY D 138 -2.75 -26.90 -43.57
N GLY D 139 -3.99 -27.12 -43.16
CA GLY D 139 -5.07 -26.19 -43.42
C GLY D 139 -5.42 -25.22 -42.32
N ILE D 140 -4.76 -25.27 -41.17
CA ILE D 140 -5.14 -24.40 -40.06
C ILE D 140 -4.62 -23.00 -40.31
N ARG D 141 -5.44 -22.01 -39.99
CA ARG D 141 -5.11 -20.61 -40.18
C ARG D 141 -5.64 -19.80 -39.01
N ILE D 142 -4.90 -18.78 -38.61
CA ILE D 142 -5.30 -17.91 -37.51
C ILE D 142 -4.72 -16.54 -37.76
N SER D 143 -5.47 -15.50 -37.40
CA SER D 143 -5.00 -14.12 -37.51
C SER D 143 -4.43 -13.63 -36.19
N ALA D 144 -3.74 -12.48 -36.26
CA ALA D 144 -3.20 -11.87 -35.06
C ALA D 144 -4.29 -11.51 -34.05
N THR D 145 -5.43 -10.99 -34.51
CA THR D 145 -6.51 -10.67 -33.58
C THR D 145 -7.11 -11.93 -32.97
N GLU D 146 -7.19 -13.00 -33.75
CA GLU D 146 -7.67 -14.27 -33.21
C GLU D 146 -6.68 -14.87 -32.21
N GLN D 147 -5.38 -14.67 -32.41
CA GLN D 147 -4.39 -15.09 -31.41
C GLN D 147 -4.62 -14.38 -30.08
N ILE D 148 -4.86 -13.06 -30.13
CA ILE D 148 -5.12 -12.30 -28.92
C ILE D 148 -6.40 -12.81 -28.23
N SER D 149 -7.46 -13.04 -29.00
CA SER D 149 -8.70 -13.56 -28.42
C SER D 149 -8.42 -14.84 -27.65
N PHE D 150 -7.66 -15.74 -28.26
CA PHE D 150 -7.29 -16.99 -27.61
C PHE D 150 -6.40 -16.75 -26.39
N LEU D 151 -5.41 -15.86 -26.52
CA LEU D 151 -4.51 -15.61 -25.40
C LEU D 151 -5.25 -15.00 -24.21
N ARG D 152 -6.24 -14.14 -24.47
CA ARG D 152 -6.99 -13.53 -23.37
C ARG D 152 -7.74 -14.58 -22.57
N LYS D 153 -8.32 -15.59 -23.24
CA LYS D 153 -8.97 -16.68 -22.55
C LYS D 153 -7.98 -17.45 -21.69
N LEU D 154 -6.82 -17.75 -22.26
CA LEU D 154 -5.77 -18.44 -21.50
C LEU D 154 -5.36 -17.65 -20.27
N TYR D 155 -5.14 -16.34 -20.44
CA TYR D 155 -4.73 -15.50 -19.32
C TYR D 155 -5.73 -15.60 -18.18
N HIS D 156 -7.03 -15.59 -18.51
CA HIS D 156 -8.09 -15.60 -17.52
C HIS D 156 -8.51 -17.01 -17.11
N ASN D 157 -7.79 -18.06 -17.55
CA ASN D 157 -8.15 -19.44 -17.24
C ASN D 157 -9.54 -19.81 -17.76
N LYS D 158 -9.95 -19.23 -18.89
CA LYS D 158 -11.30 -19.43 -19.40
C LYS D 158 -11.36 -20.43 -20.54
N LEU D 159 -10.23 -21.00 -20.97
CA LEU D 159 -10.28 -22.06 -21.95
C LEU D 159 -10.88 -23.30 -21.32
N HIS D 160 -11.48 -24.15 -22.15
CA HIS D 160 -12.20 -25.33 -21.68
C HIS D 160 -11.24 -26.50 -21.49
N VAL D 161 -10.23 -26.25 -20.65
CA VAL D 161 -9.36 -27.27 -20.09
C VAL D 161 -9.16 -26.89 -18.63
N SER D 162 -8.51 -27.77 -17.87
CA SER D 162 -8.41 -27.53 -16.43
C SER D 162 -7.59 -26.27 -16.16
N GLU D 163 -7.83 -25.67 -14.99
CA GLU D 163 -7.00 -24.54 -14.57
C GLU D 163 -5.54 -24.96 -14.49
N ARG D 164 -5.27 -26.16 -13.98
CA ARG D 164 -3.89 -26.64 -13.86
C ARG D 164 -3.19 -26.64 -15.21
N SER D 165 -3.87 -27.16 -16.24
CA SER D 165 -3.26 -27.18 -17.56
C SER D 165 -2.92 -25.78 -18.04
N GLN D 166 -3.81 -24.82 -17.78
CA GLN D 166 -3.56 -23.45 -18.23
C GLN D 166 -2.40 -22.81 -17.47
N ARG D 167 -2.31 -23.05 -16.16
CA ARG D 167 -1.22 -22.49 -15.38
C ARG D 167 0.13 -23.05 -15.83
N ILE D 168 0.18 -24.35 -16.16
CA ILE D 168 1.44 -24.96 -16.58
C ILE D 168 1.90 -24.37 -17.91
N VAL D 169 0.98 -24.19 -18.86
CA VAL D 169 1.38 -23.64 -20.15
C VAL D 169 1.85 -22.20 -19.99
N LYS D 170 1.17 -21.41 -19.14
CA LYS D 170 1.61 -20.03 -18.93
C LYS D 170 2.99 -19.97 -18.27
N GLN D 171 3.28 -20.91 -17.37
CA GLN D 171 4.65 -21.04 -16.87
C GLN D 171 5.62 -21.32 -18.01
N ALA D 172 5.26 -22.28 -18.89
CA ALA D 172 6.14 -22.64 -20.00
C ALA D 172 6.30 -21.52 -21.02
N MET D 173 5.34 -20.58 -21.11
CA MET D 173 5.47 -19.43 -21.99
C MET D 173 6.40 -18.34 -21.42
N LEU D 174 6.81 -18.44 -20.17
CA LEU D 174 7.64 -17.39 -19.57
C LEU D 174 8.87 -17.11 -20.42
N THR D 175 9.03 -15.86 -20.82
CA THR D 175 10.10 -15.48 -21.74
C THR D 175 11.06 -14.47 -21.15
N GLU D 176 10.55 -13.47 -20.45
CA GLU D 176 11.42 -12.46 -19.88
C GLU D 176 10.74 -11.90 -18.64
N ALA D 177 11.53 -11.60 -17.61
CA ALA D 177 11.00 -10.98 -16.42
C ALA D 177 12.09 -10.13 -15.77
N ASN D 178 11.69 -8.94 -15.35
CA ASN D 178 12.55 -8.03 -14.61
C ASN D 178 11.66 -7.19 -13.70
N GLY D 179 12.24 -6.17 -13.07
CA GLY D 179 11.48 -5.33 -12.16
C GLY D 179 10.39 -4.51 -12.83
N ASP D 180 10.42 -4.40 -14.16
CA ASP D 180 9.48 -3.54 -14.88
C ASP D 180 8.36 -4.30 -15.55
N TYR D 181 8.57 -5.56 -15.94
CA TYR D 181 7.53 -6.26 -16.68
C TYR D 181 7.85 -7.74 -16.75
N ILE D 182 6.82 -8.51 -17.08
CA ILE D 182 6.91 -9.93 -17.38
C ILE D 182 6.34 -10.15 -18.77
N ILE D 183 7.05 -10.89 -19.62
CA ILE D 183 6.55 -11.29 -20.93
C ILE D 183 6.35 -12.79 -20.94
N ARG D 184 5.14 -13.23 -21.27
CA ARG D 184 4.84 -14.62 -21.57
C ARG D 184 4.46 -14.67 -23.04
N ALA D 185 5.17 -15.48 -23.82
CA ALA D 185 5.02 -15.39 -25.27
C ALA D 185 5.54 -16.67 -25.94
N LYS D 186 5.26 -16.76 -27.24
CA LYS D 186 5.76 -17.84 -28.07
C LYS D 186 6.05 -17.33 -29.47
N THR D 187 7.23 -17.68 -29.99
CA THR D 187 7.62 -17.38 -31.36
C THR D 187 7.08 -18.42 -32.33
N GLY D 188 6.98 -18.00 -33.60
CA GLY D 188 6.67 -18.92 -34.67
C GLY D 188 7.43 -18.54 -35.93
N TYR D 189 7.67 -19.54 -36.76
CA TYR D 189 8.36 -19.33 -38.02
C TYR D 189 7.79 -20.32 -39.03
N SER D 190 7.02 -19.81 -40.01
CA SER D 190 6.33 -20.65 -40.99
C SER D 190 7.15 -20.59 -42.27
N THR D 191 7.73 -21.74 -42.67
CA THR D 191 8.60 -21.79 -43.82
C THR D 191 8.16 -22.78 -44.89
N ARG D 192 7.20 -23.66 -44.59
CA ARG D 192 6.90 -24.77 -45.51
C ARG D 192 5.94 -24.39 -46.61
N ILE D 193 5.10 -23.37 -46.40
CA ILE D 193 4.16 -22.90 -47.40
C ILE D 193 4.30 -21.39 -47.46
N GLU D 194 4.25 -20.83 -48.67
CA GLU D 194 4.38 -19.39 -48.80
C GLU D 194 3.08 -18.70 -48.37
N PRO D 195 3.17 -17.46 -47.86
CA PRO D 195 4.38 -16.67 -47.65
C PRO D 195 5.10 -17.05 -46.35
N LYS D 196 6.42 -17.07 -46.38
CA LYS D 196 7.17 -17.32 -45.17
C LYS D 196 7.04 -16.13 -44.22
N ILE D 197 6.64 -16.40 -42.97
CA ILE D 197 6.41 -15.34 -41.99
C ILE D 197 6.96 -15.76 -40.63
N GLY D 198 7.22 -14.75 -39.81
CA GLY D 198 7.53 -14.94 -38.40
C GLY D 198 6.40 -14.40 -37.55
N TRP D 199 6.21 -15.04 -36.40
CA TRP D 199 5.20 -14.70 -35.40
C TRP D 199 5.87 -14.39 -34.06
N TRP D 200 5.24 -13.51 -33.27
CA TRP D 200 5.48 -13.45 -31.83
C TRP D 200 4.15 -13.07 -31.20
N VAL D 201 3.64 -13.92 -30.31
CA VAL D 201 2.35 -13.68 -29.66
C VAL D 201 2.48 -13.93 -28.17
N GLY D 202 1.73 -13.17 -27.39
CA GLY D 202 1.80 -13.31 -25.95
C GLY D 202 1.22 -12.08 -25.25
N TRP D 203 1.80 -11.78 -24.09
CA TRP D 203 1.38 -10.58 -23.36
C TRP D 203 2.50 -10.05 -22.48
N VAL D 204 2.32 -8.78 -22.09
CA VAL D 204 3.20 -8.07 -21.19
C VAL D 204 2.42 -7.79 -19.90
N GLU D 205 2.91 -8.32 -18.78
CA GLU D 205 2.27 -8.10 -17.49
C GLU D 205 2.93 -6.89 -16.83
N LEU D 206 2.12 -5.90 -16.47
CA LEU D 206 2.58 -4.76 -15.68
C LEU D 206 1.95 -4.86 -14.31
N ASP D 207 2.38 -3.96 -13.41
CA ASP D 207 1.84 -3.95 -12.05
C ASP D 207 0.33 -3.88 -12.06
N ASP D 208 -0.24 -3.06 -12.95
CA ASP D 208 -1.66 -2.71 -12.86
C ASP D 208 -2.41 -2.90 -14.18
N ASN D 209 -1.84 -3.63 -15.12
CA ASN D 209 -2.50 -3.85 -16.41
C ASN D 209 -1.79 -4.97 -17.12
N VAL D 210 -2.41 -5.46 -18.18
N VAL D 210 -2.42 -5.45 -18.18
CA VAL D 210 -1.78 -6.46 -19.05
CA VAL D 210 -1.86 -6.47 -19.06
C VAL D 210 -2.07 -6.07 -20.49
C VAL D 210 -2.07 -5.97 -20.48
N TRP D 211 -1.01 -6.03 -21.29
CA TRP D 211 -1.10 -5.70 -22.72
C TRP D 211 -0.85 -6.98 -23.50
N PHE D 212 -1.87 -7.47 -24.19
CA PHE D 212 -1.70 -8.59 -25.10
C PHE D 212 -1.13 -8.11 -26.42
N PHE D 213 -0.35 -8.97 -27.07
CA PHE D 213 0.22 -8.60 -28.36
C PHE D 213 0.26 -9.82 -29.27
N ALA D 214 0.20 -9.56 -30.57
CA ALA D 214 0.41 -10.55 -31.60
C ALA D 214 0.98 -9.84 -32.80
N MET D 215 2.10 -10.33 -33.31
CA MET D 215 2.74 -9.72 -34.46
C MET D 215 3.13 -10.82 -35.44
N ASN D 216 3.01 -10.49 -36.74
CA ASN D 216 3.65 -11.31 -37.75
C ASN D 216 4.30 -10.38 -38.78
N MET D 217 5.26 -10.93 -39.51
CA MET D 217 6.05 -10.16 -40.46
C MET D 217 6.57 -11.11 -41.52
N ASP D 218 6.75 -10.58 -42.74
CA ASP D 218 7.33 -11.39 -43.80
C ASP D 218 8.76 -11.75 -43.40
N MET D 219 9.15 -13.00 -43.67
CA MET D 219 10.43 -13.54 -43.22
C MET D 219 11.06 -14.34 -44.33
N PRO D 220 11.56 -13.66 -45.38
CA PRO D 220 12.14 -14.40 -46.53
C PRO D 220 13.33 -15.26 -46.17
N THR D 221 14.08 -14.91 -45.12
CA THR D 221 15.20 -15.72 -44.68
C THR D 221 15.25 -15.71 -43.16
N SER D 222 15.96 -16.68 -42.60
CA SER D 222 16.05 -16.82 -41.15
C SER D 222 16.90 -15.74 -40.50
N ASP D 223 17.60 -14.92 -41.29
CA ASP D 223 18.48 -13.90 -40.74
C ASP D 223 17.70 -12.82 -39.98
N GLY D 224 16.43 -12.62 -40.29
CA GLY D 224 15.63 -11.58 -39.67
C GLY D 224 14.84 -12.01 -38.45
N LEU D 225 15.03 -13.23 -37.95
CA LEU D 225 14.14 -13.74 -36.91
C LEU D 225 14.13 -12.85 -35.67
N GLY D 226 15.28 -12.26 -35.33
CA GLY D 226 15.36 -11.41 -34.15
C GLY D 226 14.51 -10.16 -34.25
N LEU D 227 14.09 -9.78 -35.46
CA LEU D 227 13.22 -8.62 -35.63
C LEU D 227 11.82 -8.86 -35.11
N ARG D 228 11.39 -10.12 -34.97
CA ARG D 228 10.09 -10.39 -34.37
C ARG D 228 9.98 -9.71 -33.01
N GLN D 229 10.96 -9.97 -32.14
CA GLN D 229 10.98 -9.37 -30.81
C GLN D 229 11.40 -7.91 -30.86
N ALA D 230 12.38 -7.57 -31.70
CA ALA D 230 12.93 -6.22 -31.68
C ALA D 230 11.88 -5.20 -32.12
N ILE D 231 11.13 -5.50 -33.17
CA ILE D 231 10.12 -4.57 -33.67
C ILE D 231 8.99 -4.42 -32.67
N THR D 232 8.53 -5.53 -32.09
CA THR D 232 7.48 -5.48 -31.08
C THR D 232 7.88 -4.60 -29.91
N LYS D 233 9.10 -4.78 -29.41
CA LYS D 233 9.56 -3.98 -28.27
C LYS D 233 9.72 -2.51 -28.62
N GLU D 234 10.07 -2.19 -29.87
CA GLU D 234 10.13 -0.79 -30.26
C GLU D 234 8.74 -0.16 -30.23
N VAL D 235 7.72 -0.91 -30.65
CA VAL D 235 6.34 -0.44 -30.51
C VAL D 235 5.99 -0.27 -29.04
N LEU D 236 6.28 -1.30 -28.25
CA LEU D 236 6.00 -1.22 -26.82
C LEU D 236 6.69 -0.02 -26.18
N LYS D 237 7.94 0.25 -26.56
CA LYS D 237 8.65 1.40 -26.02
C LYS D 237 8.01 2.71 -26.47
N GLN D 238 7.61 2.80 -27.75
CA GLN D 238 7.02 4.03 -28.25
C GLN D 238 5.72 4.35 -27.52
N GLU D 239 4.95 3.32 -27.17
CA GLU D 239 3.71 3.49 -26.45
C GLU D 239 3.91 3.55 -24.93
N LYS D 240 5.16 3.62 -24.47
CA LYS D 240 5.49 3.76 -23.05
C LYS D 240 4.93 2.62 -22.20
N ILE D 241 4.81 1.43 -22.81
CA ILE D 241 4.41 0.24 -22.07
C ILE D 241 5.61 -0.36 -21.35
N ILE D 242 6.79 -0.35 -21.97
CA ILE D 242 8.02 -0.77 -21.32
C ILE D 242 9.01 0.37 -21.44
N PRO D 243 9.99 0.45 -20.52
CA PRO D 243 10.98 1.53 -20.63
C PRO D 243 11.91 1.36 -21.83
C T7O E . 12.15 -4.19 8.17
O T7O E . 12.36 -1.92 8.91
C1 T7O E . 11.85 -2.73 8.19
C10 T7O E . 10.27 -1.79 1.56
C11 T7O E . 9.90 -2.49 0.42
C12 T7O E . 10.79 -3.37 -0.17
C13 T7O E . 12.41 -2.86 1.52
C14 T7O E . 12.05 -3.56 0.38
C15 T7O E . 13.02 -4.53 -0.25
C2 T7O E . 10.79 -0.98 6.98
C3 T7O E . 11.52 -0.70 5.69
C4 T7O E . 11.22 -1.43 4.55
C5 T7O E . 11.91 -1.22 3.35
C6 T7O E . 12.93 -0.27 3.33
C7 T7O E . 13.23 0.46 4.46
C8 T7O E . 12.53 0.25 5.63
C9 T7O E . 11.53 -1.97 2.13
O1 T7O E . 10.96 -2.40 7.26
O2 T7O E . 12.58 -5.30 -1.14
O3 T7O E . 14.20 -4.53 0.16
H2 T7O E . 12.01 -4.60 9.17
H1 T7O E . 13.18 -4.37 7.87
H T7O E . 11.50 -4.75 7.50
H9 T7O E . 9.55 -1.11 2.01
H10 T7O E . 8.91 -2.34 -0.01
H11 T7O E . 10.51 -3.91 -1.08
H12 T7O E . 13.40 -3.02 1.95
H4 T7O E . 9.73 -0.78 6.90
H3 T7O E . 11.21 -0.37 7.76
H5 T7O E . 10.44 -2.18 4.58
H6 T7O E . 13.49 -0.11 2.41
H7 T7O E . 14.02 1.22 4.42
H8 T7O E . 12.77 0.85 6.52
CL CL F . 5.70 -18.32 -13.84
C T7O G . -20.91 3.40 -6.05
O T7O G . -20.77 5.66 -6.81
C1 T7O G . -21.12 4.87 -5.99
C10 T7O G . -26.35 10.42 -5.02
C11 T7O G . -26.76 11.74 -5.08
C12 T7O G . -26.44 12.61 -4.07
C13 T7O G . -25.29 10.84 -2.92
C14 T7O G . -25.69 12.17 -2.97
C15 T7O G . -25.33 13.13 -1.86
C2 T7O G . -21.93 6.65 -4.62
C3 T7O G . -23.35 6.93 -4.23
C4 T7O G . -23.81 8.24 -4.23
C5 T7O G . -25.13 8.54 -3.89
C6 T7O G . -25.98 7.50 -3.52
C7 T7O G . -25.52 6.20 -3.51
C8 T7O G . -24.21 5.92 -3.85
C9 T7O G . -25.61 9.95 -3.94
O1 T7O G . -21.74 5.23 -4.85
O2 T7O G . -24.42 12.78 -1.07
O3 T7O G . -25.97 14.21 -1.79
H2 T7O G . -20.50 3.12 -7.02
H1 T7O G . -21.85 2.86 -5.94
H T7O G . -20.22 3.02 -5.29
H9 T7O G . -26.62 9.75 -5.83
H10 T7O G . -27.34 12.09 -5.93
H11 T7O G . -26.75 13.66 -4.11
H12 T7O G . -24.72 10.51 -2.05
H4 T7O G . -21.64 7.16 -5.53
H3 T7O G . -21.27 7.00 -3.81
H5 T7O G . -23.14 9.06 -4.51
H6 T7O G . -27.01 7.72 -3.26
H7 T7O G . -26.19 5.39 -3.23
H8 T7O G . -23.88 4.89 -3.84
C T7O H . 19.40 6.52 15.15
O T7O H . 19.36 6.14 17.51
C1 T7O H . 18.88 6.64 16.55
C10 T7O H . 15.58 6.85 23.17
C11 T7O H . 15.56 7.29 24.48
C12 T7O H . 14.97 8.50 24.79
C13 T7O H . 14.39 8.81 22.49
C14 T7O H . 14.37 9.26 23.80
C15 T7O H . 13.73 10.58 24.14
C2 T7O H . 17.54 8.07 17.89
C3 T7O H . 16.41 7.42 18.64
C4 T7O H . 16.18 7.81 19.95
C5 T7O H . 15.18 7.22 20.72
C6 T7O H . 14.39 6.24 20.13
C7 T7O H . 14.61 5.84 18.83
C8 T7O H . 15.61 6.44 18.08
C9 T7O H . 15.01 7.61 22.15
O1 T7O H . 17.81 7.44 16.60
O2 T7O H . 13.05 11.13 23.24
O3 T7O H . 13.90 11.06 25.28
H2 T7O H . 18.67 6.00 14.54
H1 T7O H . 20.32 5.94 15.13
H T7O H . 19.59 7.48 14.68
H9 T7O H . 16.04 5.88 22.94
H10 T7O H . 16.03 6.68 25.26
H11 T7O H . 14.96 8.86 25.82
H12 T7O H . 13.91 9.41 21.72
H4 T7O H . 18.47 8.03 18.45
H3 T7O H . 17.29 9.12 17.76
H5 T7O H . 16.79 8.60 20.40
H6 T7O H . 13.59 5.77 20.72
H7 T7O H . 13.98 5.07 18.38
H8 T7O H . 15.78 6.12 17.06
C1 EDO I . 11.44 25.78 42.19
O1 EDO I . 12.21 26.65 41.36
C2 EDO I . 9.98 26.21 42.13
O2 EDO I . 9.71 26.56 40.76
H11 EDO I . 11.54 24.75 41.84
H12 EDO I . 11.79 25.84 43.22
HO1 EDO I . 13.14 26.40 41.40
H21 EDO I . 9.33 25.39 42.43
H22 EDO I . 9.81 27.07 42.78
HO2 EDO I . 8.78 26.83 40.69
CL CL J . 9.94 15.16 42.49
C1 EDO K . -16.17 8.67 27.92
O1 EDO K . -16.58 7.42 28.49
C2 EDO K . -15.13 9.30 28.84
O2 EDO K . -14.65 10.55 28.34
H11 EDO K . -15.75 8.52 26.93
H12 EDO K . -17.04 9.34 27.83
HO1 EDO K . -17.23 7.01 27.91
H21 EDO K . -15.58 9.46 29.82
H22 EDO K . -14.30 8.61 28.96
HO2 EDO K . -13.99 10.90 28.96
C T7O L . 15.43 -20.95 -43.27
O T7O L . 13.48 -22.21 -42.70
C1 T7O L . 14.65 -22.03 -42.59
C10 T7O L . 11.95 -23.65 -36.22
C11 T7O L . 10.86 -23.63 -35.37
C12 T7O L . 10.51 -22.46 -34.73
C13 T7O L . 12.33 -21.33 -35.81
C14 T7O L . 11.24 -21.29 -34.93
C15 T7O L . 10.90 -20.02 -34.20
C2 T7O L . 14.77 -23.68 -40.87
C3 T7O L . 14.88 -23.06 -39.51
C4 T7O L . 13.82 -23.12 -38.61
C5 T7O L . 13.88 -22.51 -37.36
C6 T7O L . 15.05 -21.86 -37.00
C7 T7O L . 16.12 -21.80 -37.88
C8 T7O L . 16.03 -22.39 -39.13
C9 T7O L . 12.70 -22.50 -36.45
O1 T7O L . 15.43 -22.79 -41.80
O2 T7O L . 11.83 -19.21 -33.99
O3 T7O L . 9.72 -19.85 -33.86
H2 T7O L . 16.48 -21.10 -43.06
H1 T7O L . 15.15 -19.98 -42.90
H T7O L . 15.31 -20.95 -44.35
H9 T7O L . 12.23 -24.58 -36.71
H10 T7O L . 10.29 -24.53 -35.20
H11 T7O L . 9.65 -22.42 -34.07
H12 T7O L . 12.89 -20.40 -35.98
H4 T7O L . 13.73 -23.80 -41.20
H3 T7O L . 15.23 -24.67 -40.85
H5 T7O L . 12.91 -23.65 -38.89
H6 T7O L . 15.14 -21.39 -36.03
H7 T7O L . 17.04 -21.28 -37.59
H8 T7O L . 16.87 -22.34 -39.81
C1 EDO M . 4.15 -7.22 -11.98
O1 EDO M . 2.88 -7.83 -12.29
C2 EDO M . 4.94 -6.94 -13.26
O2 EDO M . 6.35 -6.98 -12.98
H11 EDO M . 3.98 -6.29 -11.44
H12 EDO M . 4.72 -7.90 -11.32
HO1 EDO M . 2.40 -8.01 -11.48
H21 EDO M . 4.69 -7.70 -14.01
H22 EDO M . 4.66 -5.96 -13.65
HO2 EDO M . 6.84 -6.80 -13.79
C1 EDO N . 15.05 -22.44 -18.01
O1 EDO N . 14.96 -23.59 -18.87
C2 EDO N . 16.26 -21.59 -18.37
O2 EDO N . 15.85 -20.48 -19.21
H11 EDO N . 14.13 -21.84 -18.11
H12 EDO N . 15.13 -22.76 -16.98
HO1 EDO N . 14.20 -24.11 -18.63
H21 EDO N . 16.72 -21.21 -17.46
H22 EDO N . 17.00 -22.20 -18.90
HO2 EDO N . 16.63 -19.94 -19.42
C1 EDO O . 11.65 -36.76 -28.74
O1 EDO O . 10.92 -37.90 -28.29
C2 EDO O . 11.85 -36.80 -30.24
O2 EDO O . 13.24 -36.57 -30.52
H11 EDO O . 11.11 -35.85 -28.46
H12 EDO O . 12.62 -36.72 -28.24
HO1 EDO O . 10.81 -37.86 -27.33
H21 EDO O . 11.56 -37.77 -30.63
H22 EDO O . 11.24 -36.03 -30.72
HO2 EDO O . 13.38 -36.59 -31.48
#